data_2CBI
#
_entry.id   2CBI
#
_cell.length_a   119.939
_cell.length_b   147.380
_cell.length_c   157.687
_cell.angle_alpha   90.00
_cell.angle_beta   90.00
_cell.angle_gamma   90.00
#
_symmetry.space_group_name_H-M   'I 21 21 21'
#
loop_
_entity.id
_entity.type
_entity.pdbx_description
1 polymer HYALURONIDASE
2 non-polymer 'SULFATE ION'
3 non-polymer 'CHLORIDE ION'
4 non-polymer GAMMA-BUTYROLACTONE
5 non-polymer GLYCEROL
6 non-polymer 'ZINC ION'
7 water water
#
_entity_poly.entity_id   1
_entity_poly.type   'polypeptide(L)'
_entity_poly.pdbx_seq_one_letter_code
;VGPKTGEENQVLVPNLNPTPENLEVVGDGFKITSSINLVGEEEADENAVNALREFLTANNIEINSENDPNSTTLIIGEVD
DDIPELDEALNGTTAENLKEEGYALVSNDGKIAIEGKDGDGTFYGVQTFKQLVKESNIPEVNITDYPTVSARGIVEGFYG
TPWTHQDRLDQIKFYGENKLNTYIYAPKDDPYHREKWREPYPESEMQRMQELINASAENKVDFVFGISPGIDIRFDGDAG
EEDFNHLITKAESLYDMGVRSFAIYWDDIQDKSAAKHAQVLNRFNEEFVKAKGDVKPLITVPTEYDTGAMVSNGQPRAYT
RIFAETVDPSIEVMWTGPGVVTNEIPLSDAQLISGIYNRNMAVWWNYPVTDYFKGKLALGPMHGLDKGLNQYVDFFTVNP
MEHAELSKISIHTAADYSWNMDNYDYDKAWNRAIDMLYGDLAEDMKVFANHSTRMDNKTWAKSGREDAPELRAKMDELWN
KLSSKEDASALIEELYGEFARMEEACNNLKANLPEVALEECSRQLDELITLAQGDKASLDMIVAQLNEDTEAYESAKEIA
QNKLNTALSSFAVISEKVAQSFIQEALSFDLTLI
;
_entity_poly.pdbx_strand_id   A,B
#
# COMPACT_ATOMS: atom_id res chain seq x y z
N VAL A 11 -33.29 -5.34 36.06
CA VAL A 11 -32.65 -6.65 35.71
C VAL A 11 -31.19 -6.51 35.21
N LEU A 12 -30.99 -5.91 34.04
CA LEU A 12 -29.70 -6.02 33.33
C LEU A 12 -28.66 -4.93 33.66
N VAL A 13 -27.38 -5.31 33.54
CA VAL A 13 -26.27 -4.42 33.82
C VAL A 13 -26.01 -3.56 32.59
N PRO A 14 -26.14 -2.23 32.74
CA PRO A 14 -25.91 -1.28 31.62
C PRO A 14 -24.48 -1.38 31.09
N ASN A 15 -24.15 -0.66 30.03
CA ASN A 15 -22.74 -0.50 29.64
C ASN A 15 -21.93 0.16 30.75
N LEU A 16 -20.71 -0.32 30.96
CA LEU A 16 -19.86 0.22 32.03
C LEU A 16 -18.54 0.62 31.41
N ASN A 17 -18.00 1.73 31.87
CA ASN A 17 -16.66 2.12 31.46
C ASN A 17 -15.92 2.89 32.55
N PRO A 18 -14.70 2.42 32.89
CA PRO A 18 -14.06 1.16 32.38
C PRO A 18 -14.79 -0.13 32.79
N THR A 19 -14.44 -1.26 32.14
CA THR A 19 -14.97 -2.57 32.54
C THR A 19 -14.41 -2.97 33.90
N PRO A 20 -15.28 -3.12 34.92
CA PRO A 20 -14.81 -3.54 36.24
C PRO A 20 -14.08 -4.87 36.18
N GLU A 21 -13.17 -5.05 37.12
CA GLU A 21 -12.30 -6.20 37.13
C GLU A 21 -13.15 -7.44 37.44
N ASN A 22 -13.93 -7.35 38.52
CA ASN A 22 -14.82 -8.42 38.95
C ASN A 22 -16.23 -7.92 39.15
N LEU A 23 -17.16 -8.55 38.44
CA LEU A 23 -18.56 -8.20 38.58
C LEU A 23 -19.40 -9.47 38.50
N GLU A 24 -20.20 -9.70 39.53
CA GLU A 24 -21.08 -10.85 39.60
C GLU A 24 -22.51 -10.35 39.77
N VAL A 25 -23.41 -10.80 38.90
CA VAL A 25 -24.85 -10.59 39.08
C VAL A 25 -25.36 -11.58 40.10
N VAL A 26 -25.93 -11.09 41.21
CA VAL A 26 -26.38 -11.94 42.32
C VAL A 26 -27.89 -11.83 42.66
N GLY A 27 -28.65 -11.16 41.79
CA GLY A 27 -30.10 -11.04 41.97
C GLY A 27 -30.76 -10.49 40.73
N ASP A 28 -32.07 -10.33 40.77
CA ASP A 28 -32.80 -9.86 39.59
C ASP A 28 -32.81 -8.35 39.49
N GLY A 29 -32.36 -7.67 40.55
CA GLY A 29 -32.23 -6.20 40.56
C GLY A 29 -33.39 -5.59 41.34
N PHE A 30 -33.35 -4.28 41.55
CA PHE A 30 -34.45 -3.60 42.22
C PHE A 30 -34.54 -2.16 41.75
N LYS A 31 -35.60 -1.47 42.14
CA LYS A 31 -35.74 -0.05 41.86
C LYS A 31 -35.37 0.72 43.12
N ILE A 32 -34.54 1.73 42.97
CA ILE A 32 -34.17 2.68 44.03
C ILE A 32 -35.36 3.60 44.32
N THR A 33 -35.68 3.81 45.60
CA THR A 33 -36.84 4.65 45.95
C THR A 33 -36.63 6.12 45.60
N SER A 34 -37.72 6.89 45.69
CA SER A 34 -37.74 8.30 45.25
C SER A 34 -36.94 9.17 46.19
N SER A 35 -36.73 8.71 47.42
CA SER A 35 -35.70 9.26 48.28
C SER A 35 -34.96 8.13 48.97
N ILE A 36 -33.73 8.39 49.42
CA ILE A 36 -32.91 7.35 50.03
C ILE A 36 -32.38 7.67 51.42
N ASN A 37 -31.98 6.61 52.13
CA ASN A 37 -31.19 6.71 53.33
C ASN A 37 -29.69 6.69 52.95
N LEU A 38 -28.99 7.77 53.31
CA LEU A 38 -27.54 7.89 53.09
C LEU A 38 -26.76 7.76 54.39
N VAL A 39 -25.78 6.86 54.37
CA VAL A 39 -25.04 6.44 55.55
C VAL A 39 -23.54 6.44 55.23
N GLY A 40 -22.77 7.05 56.13
CA GLY A 40 -21.32 7.19 55.99
C GLY A 40 -20.81 8.52 55.43
N GLU A 41 -21.71 9.52 55.24
CA GLU A 41 -21.35 10.84 54.68
C GLU A 41 -20.40 11.68 55.53
N GLU A 42 -20.52 11.58 56.86
CA GLU A 42 -19.60 12.26 57.77
C GLU A 42 -18.16 11.85 57.44
N GLU A 43 -17.95 10.54 57.20
CA GLU A 43 -16.61 9.98 57.12
C GLU A 43 -16.05 9.78 55.71
N ALA A 44 -16.93 9.65 54.73
CA ALA A 44 -16.59 9.25 53.36
C ALA A 44 -15.91 10.38 52.59
N ASP A 45 -15.00 10.05 51.66
CA ASP A 45 -14.34 11.07 50.81
C ASP A 45 -15.32 12.16 50.35
N GLU A 46 -14.98 13.42 50.61
CA GLU A 46 -15.84 14.54 50.24
C GLU A 46 -16.12 14.67 48.74
N ASN A 47 -15.10 14.45 47.91
CA ASN A 47 -15.24 14.59 46.47
C ASN A 47 -16.23 13.54 45.97
N ALA A 48 -16.10 12.33 46.52
CA ALA A 48 -16.98 11.22 46.17
C ALA A 48 -18.43 11.50 46.62
N VAL A 49 -18.62 12.08 47.81
CA VAL A 49 -19.98 12.36 48.32
C VAL A 49 -20.65 13.42 47.42
N ASN A 50 -19.85 14.40 46.97
CA ASN A 50 -20.36 15.47 46.09
C ASN A 50 -20.79 14.97 44.73
N ALA A 51 -20.00 14.05 44.19
CA ALA A 51 -20.34 13.42 42.92
C ALA A 51 -21.64 12.66 43.13
N LEU A 52 -21.76 11.97 44.26
CA LEU A 52 -22.98 11.25 44.55
C LEU A 52 -24.16 12.19 44.69
N ARG A 53 -24.02 13.26 45.49
CA ARG A 53 -25.06 14.27 45.64
C ARG A 53 -25.56 14.80 44.30
N GLU A 54 -24.62 15.26 43.47
CA GLU A 54 -24.87 15.76 42.12
C GLU A 54 -25.74 14.84 41.29
N PHE A 55 -25.32 13.57 41.21
CA PHE A 55 -26.07 12.55 40.50
C PHE A 55 -27.49 12.41 41.07
N LEU A 56 -27.58 12.27 42.38
CA LEU A 56 -28.86 12.09 43.05
C LEU A 56 -29.81 13.22 42.63
N THR A 57 -29.37 14.46 42.82
CA THR A 57 -30.12 15.63 42.35
C THR A 57 -30.56 15.54 40.88
N ALA A 58 -29.59 15.33 39.99
CA ALA A 58 -29.87 15.27 38.57
C ALA A 58 -30.94 14.23 38.23
N ASN A 59 -31.13 13.26 39.12
CA ASN A 59 -32.06 12.18 38.88
C ASN A 59 -33.26 12.15 39.82
N ASN A 60 -33.48 13.27 40.50
CA ASN A 60 -34.64 13.47 41.39
C ASN A 60 -34.78 12.41 42.48
N ILE A 61 -33.65 12.09 43.09
CA ILE A 61 -33.62 11.19 44.23
C ILE A 61 -33.21 12.07 45.40
N GLU A 62 -34.09 12.15 46.39
CA GLU A 62 -33.91 13.05 47.53
C GLU A 62 -33.20 12.32 48.67
N ILE A 63 -32.52 13.05 49.54
CA ILE A 63 -31.85 12.43 50.68
C ILE A 63 -32.68 12.65 51.93
N ASN A 64 -33.06 11.54 52.56
CA ASN A 64 -33.79 11.57 53.81
C ASN A 64 -33.07 12.35 54.93
N SER A 65 -33.84 13.19 55.63
CA SER A 65 -33.42 13.84 56.88
C SER A 65 -33.17 12.79 57.94
N GLU A 66 -34.05 11.78 57.95
CA GLU A 66 -34.07 10.72 58.94
C GLU A 66 -34.29 9.39 58.22
N ASN A 67 -33.95 8.31 58.91
CA ASN A 67 -34.04 6.99 58.33
C ASN A 67 -35.44 6.48 57.95
N ASP A 68 -35.54 5.94 56.74
CA ASP A 68 -36.39 4.79 56.41
C ASP A 68 -37.92 4.97 56.39
N PRO A 69 -38.44 5.74 55.41
CA PRO A 69 -39.79 5.41 54.94
C PRO A 69 -39.79 4.01 54.32
N ASN A 70 -38.82 3.18 54.72
CA ASN A 70 -38.27 2.10 53.90
C ASN A 70 -37.86 2.49 52.49
N SER A 71 -37.02 3.50 52.48
CA SER A 71 -36.36 3.87 51.29
C SER A 71 -35.11 3.01 51.16
N THR A 72 -34.60 2.96 49.94
CA THR A 72 -33.31 2.39 49.65
C THR A 72 -32.27 2.97 50.63
N THR A 73 -31.29 2.15 50.99
CA THR A 73 -30.16 2.60 51.80
C THR A 73 -28.85 2.58 51.00
N LEU A 74 -28.16 3.71 50.95
CA LEU A 74 -26.83 3.82 50.35
C LEU A 74 -25.76 4.08 51.43
N ILE A 75 -24.80 3.16 51.54
CA ILE A 75 -23.73 3.31 52.51
C ILE A 75 -22.44 3.55 51.76
N ILE A 76 -21.75 4.63 52.12
CA ILE A 76 -20.52 5.05 51.46
C ILE A 76 -19.30 5.26 52.43
N GLY A 77 -18.13 4.76 52.05
CA GLY A 77 -16.92 5.02 52.83
C GLY A 77 -15.66 4.39 52.29
N GLU A 78 -14.56 4.62 53.00
CA GLU A 78 -13.28 3.98 52.67
C GLU A 78 -13.16 2.84 53.69
N VAL A 79 -12.29 1.87 53.43
CA VAL A 79 -11.95 0.92 54.49
C VAL A 79 -11.41 1.75 55.67
N ASP A 80 -11.37 1.17 56.85
CA ASP A 80 -10.72 1.86 57.98
C ASP A 80 -11.52 3.07 58.52
N ASP A 81 -12.42 3.66 57.71
CA ASP A 81 -13.43 4.57 58.24
C ASP A 81 -14.29 3.85 59.28
N ASP A 82 -14.84 4.60 60.24
CA ASP A 82 -15.72 4.07 61.28
C ASP A 82 -17.19 4.08 60.82
N ILE A 83 -17.54 3.11 59.99
CA ILE A 83 -18.93 2.94 59.51
C ILE A 83 -19.30 1.45 59.62
N PRO A 84 -19.84 1.06 60.79
CA PRO A 84 -20.14 -0.35 61.06
C PRO A 84 -21.18 -0.92 60.08
N GLU A 85 -22.05 -0.04 59.54
CA GLU A 85 -23.09 -0.43 58.57
C GLU A 85 -22.55 -0.85 57.21
N LEU A 86 -21.36 -0.37 56.87
CA LEU A 86 -20.77 -0.65 55.56
C LEU A 86 -20.36 -2.12 55.44
N ASP A 87 -19.60 -2.59 56.44
CA ASP A 87 -19.17 -3.98 56.53
C ASP A 87 -20.35 -4.95 56.51
N GLU A 88 -21.41 -4.60 57.24
CA GLU A 88 -22.65 -5.41 57.27
C GLU A 88 -23.24 -5.58 55.86
N ALA A 89 -23.35 -4.45 55.17
CA ALA A 89 -23.94 -4.39 53.85
C ALA A 89 -23.05 -5.05 52.79
N LEU A 90 -21.74 -4.92 52.93
CA LEU A 90 -20.80 -5.50 51.97
C LEU A 90 -20.73 -7.02 52.08
N ASN A 91 -21.13 -7.52 53.27
CA ASN A 91 -21.08 -8.93 53.66
C ASN A 91 -20.16 -9.87 52.88
N GLY A 92 -18.90 -9.87 53.31
CA GLY A 92 -17.86 -10.69 52.71
C GLY A 92 -17.02 -9.95 51.71
N THR A 93 -17.64 -9.11 50.90
CA THR A 93 -16.91 -8.38 49.87
C THR A 93 -16.24 -7.14 50.49
N THR A 94 -15.06 -6.79 50.00
CA THR A 94 -14.23 -5.81 50.69
C THR A 94 -13.19 -5.18 49.76
N ALA A 95 -12.82 -3.94 50.07
CA ALA A 95 -11.80 -3.28 49.28
C ALA A 95 -10.40 -3.33 49.91
N GLU A 96 -10.30 -4.02 51.05
CA GLU A 96 -9.12 -3.98 51.93
C GLU A 96 -7.89 -4.60 51.31
N ASN A 97 -8.06 -5.68 50.56
CA ASN A 97 -6.96 -6.38 49.85
C ASN A 97 -6.72 -5.86 48.43
N LEU A 98 -7.32 -4.73 48.09
CA LEU A 98 -7.20 -4.16 46.76
C LEU A 98 -6.11 -3.08 46.68
N LYS A 99 -5.59 -2.85 45.48
CA LYS A 99 -4.58 -1.80 45.30
C LYS A 99 -5.15 -0.39 45.54
N GLU A 100 -4.27 0.61 45.61
CA GLU A 100 -4.69 2.01 45.58
C GLU A 100 -5.71 2.29 44.44
N GLU A 101 -6.66 3.19 44.72
CA GLU A 101 -7.75 3.51 43.79
C GLU A 101 -8.81 2.40 43.64
N GLY A 102 -8.60 1.26 44.29
CA GLY A 102 -9.60 0.20 44.30
C GLY A 102 -10.87 0.52 45.07
N TYR A 103 -11.96 -0.19 44.74
CA TYR A 103 -13.21 -0.18 45.53
C TYR A 103 -13.97 -1.51 45.42
N ALA A 104 -14.95 -1.66 46.30
CA ALA A 104 -15.94 -2.71 46.22
C ALA A 104 -17.30 -2.04 46.21
N LEU A 105 -18.22 -2.65 45.46
CA LEU A 105 -19.60 -2.16 45.38
C LEU A 105 -20.53 -3.35 45.43
N VAL A 106 -21.50 -3.28 46.32
CA VAL A 106 -22.47 -4.34 46.49
C VAL A 106 -23.84 -3.69 46.51
N SER A 107 -24.67 -4.09 45.55
CA SER A 107 -26.11 -3.76 45.57
C SER A 107 -26.87 -5.05 45.79
N ASN A 108 -27.65 -5.08 46.84
CA ASN A 108 -28.45 -6.25 47.14
C ASN A 108 -29.66 -5.90 48.00
N ASP A 109 -30.84 -6.28 47.51
CA ASP A 109 -32.08 -6.27 48.33
C ASP A 109 -32.31 -4.95 49.09
N GLY A 110 -32.38 -3.85 48.34
CA GLY A 110 -32.74 -2.53 48.90
C GLY A 110 -31.59 -1.74 49.50
N LYS A 111 -30.37 -2.27 49.39
CA LYS A 111 -29.15 -1.64 49.89
C LYS A 111 -28.04 -1.54 48.82
N ILE A 112 -27.26 -0.45 48.91
CA ILE A 112 -26.11 -0.23 48.04
C ILE A 112 -24.93 0.22 48.87
N ALA A 113 -23.88 -0.59 48.87
CA ALA A 113 -22.69 -0.30 49.66
C ALA A 113 -21.58 0.06 48.69
N ILE A 114 -20.90 1.17 48.96
CA ILE A 114 -19.71 1.56 48.20
C ILE A 114 -18.54 1.77 49.17
N GLU A 115 -17.50 0.98 48.98
CA GLU A 115 -16.34 1.07 49.85
C GLU A 115 -15.07 1.19 49.03
N GLY A 116 -14.38 2.32 49.16
CA GLY A 116 -13.07 2.54 48.52
C GLY A 116 -11.91 2.01 49.36
N LYS A 117 -10.82 1.60 48.69
CA LYS A 117 -9.60 1.26 49.41
C LYS A 117 -9.03 2.55 50.00
N ASP A 118 -9.20 3.65 49.25
CA ASP A 118 -8.83 5.02 49.63
C ASP A 118 -9.91 5.92 49.11
N GLY A 119 -9.87 7.21 49.45
CA GLY A 119 -10.84 8.18 48.89
C GLY A 119 -10.98 8.14 47.35
N ASP A 120 -9.86 8.02 46.63
CA ASP A 120 -9.91 7.88 45.16
C ASP A 120 -10.84 6.72 44.73
N GLY A 121 -10.62 5.55 45.34
CA GLY A 121 -11.45 4.34 45.16
C GLY A 121 -12.94 4.57 45.39
N THR A 122 -13.25 5.34 46.41
CA THR A 122 -14.61 5.63 46.75
C THR A 122 -15.27 6.45 45.65
N PHE A 123 -14.51 7.44 45.16
CA PHE A 123 -14.95 8.31 44.09
C PHE A 123 -15.25 7.47 42.83
N TYR A 124 -14.35 6.56 42.51
CA TYR A 124 -14.56 5.66 41.37
C TYR A 124 -15.75 4.71 41.54
N GLY A 125 -15.96 4.21 42.75
CA GLY A 125 -17.17 3.44 43.08
C GLY A 125 -18.45 4.24 42.85
N VAL A 126 -18.43 5.53 43.14
CA VAL A 126 -19.53 6.41 42.85
C VAL A 126 -19.75 6.47 41.31
N GLN A 127 -18.64 6.58 40.59
CA GLN A 127 -18.68 6.68 39.14
C GLN A 127 -19.30 5.43 38.54
N THR A 128 -18.92 4.27 39.08
CA THR A 128 -19.55 3.00 38.73
C THR A 128 -21.06 2.96 39.01
N PHE A 129 -21.44 3.26 40.26
CA PHE A 129 -22.85 3.40 40.69
C PHE A 129 -23.71 4.22 39.73
N LYS A 130 -23.24 5.43 39.40
CA LYS A 130 -23.86 6.30 38.40
C LYS A 130 -24.14 5.58 37.08
N GLN A 131 -23.18 4.82 36.57
CA GLN A 131 -23.38 4.15 35.29
C GLN A 131 -24.32 2.92 35.44
N LEU A 132 -24.42 2.39 36.66
CA LEU A 132 -25.23 1.17 36.92
C LEU A 132 -26.72 1.44 37.01
N VAL A 133 -27.08 2.69 37.31
CA VAL A 133 -28.46 3.03 37.58
C VAL A 133 -29.14 3.53 36.31
N LYS A 134 -30.22 2.86 35.92
CA LYS A 134 -31.02 3.29 34.76
C LYS A 134 -32.49 3.46 35.17
N GLU A 135 -32.96 4.72 35.15
CA GLU A 135 -34.32 5.06 35.55
C GLU A 135 -34.68 4.46 36.91
N SER A 136 -33.77 4.71 37.87
CA SER A 136 -33.85 4.25 39.25
C SER A 136 -33.66 2.75 39.41
N ASN A 137 -33.60 2.02 38.32
CA ASN A 137 -33.36 0.58 38.41
C ASN A 137 -31.90 0.22 38.43
N ILE A 138 -31.54 -0.65 39.36
CA ILE A 138 -30.16 -1.09 39.49
C ILE A 138 -30.08 -2.63 39.57
N PRO A 139 -29.13 -3.24 38.88
CA PRO A 139 -28.91 -4.68 39.01
C PRO A 139 -28.39 -5.01 40.41
N GLU A 140 -28.46 -6.28 40.79
CA GLU A 140 -27.87 -6.74 42.04
C GLU A 140 -26.50 -7.39 41.78
N VAL A 141 -25.45 -6.66 42.12
CA VAL A 141 -24.09 -7.06 41.76
C VAL A 141 -23.15 -7.11 42.96
N ASN A 142 -22.18 -8.01 42.88
CA ASN A 142 -20.97 -7.95 43.69
C ASN A 142 -19.89 -7.42 42.77
N ILE A 143 -19.24 -6.33 43.17
CA ILE A 143 -18.07 -5.81 42.40
C ILE A 143 -16.85 -5.58 43.30
N THR A 144 -15.68 -6.02 42.83
CA THR A 144 -14.39 -5.53 43.35
C THR A 144 -13.63 -5.06 42.10
N ASP A 145 -12.91 -3.94 42.22
CA ASP A 145 -12.44 -3.25 41.02
C ASP A 145 -11.27 -2.35 41.38
N TYR A 146 -10.34 -2.19 40.44
CA TYR A 146 -9.05 -1.52 40.64
C TYR A 146 -8.36 -1.42 39.28
N PRO A 147 -7.49 -0.40 39.10
CA PRO A 147 -6.93 -0.22 37.74
C PRO A 147 -5.76 -1.13 37.42
N THR A 148 -5.55 -1.41 36.13
CA THR A 148 -4.34 -2.12 35.72
C THR A 148 -3.12 -1.18 35.84
N VAL A 149 -3.27 0.05 35.38
CA VAL A 149 -2.15 0.99 35.29
C VAL A 149 -2.41 2.11 36.29
N SER A 150 -1.36 2.49 37.02
CA SER A 150 -1.45 3.45 38.12
C SER A 150 -1.85 4.87 37.69
N ALA A 151 -1.24 5.35 36.60
CA ALA A 151 -1.55 6.68 36.04
C ALA A 151 -2.18 6.54 34.66
N ARG A 152 -3.38 7.11 34.50
CA ARG A 152 -4.14 6.98 33.26
C ARG A 152 -4.62 8.38 32.89
N GLY A 153 -4.34 8.87 31.69
CA GLY A 153 -4.85 10.19 31.34
C GLY A 153 -4.49 10.82 30.02
N ILE A 154 -4.47 12.15 30.03
CA ILE A 154 -4.34 12.97 28.80
C ILE A 154 -3.12 13.88 28.96
N VAL A 155 -2.36 14.03 27.88
CA VAL A 155 -1.41 15.13 27.76
C VAL A 155 -1.91 16.03 26.62
N GLU A 156 -2.02 17.32 26.95
CA GLU A 156 -2.60 18.27 26.02
C GLU A 156 -1.45 18.79 25.22
N GLY A 157 -0.91 17.96 24.33
CA GLY A 157 0.30 18.33 23.63
C GLY A 157 0.16 18.54 22.15
N PHE A 158 -1.06 18.67 21.65
CA PHE A 158 -1.30 18.84 20.22
C PHE A 158 -1.03 20.26 19.73
N TYR A 159 -0.73 20.38 18.44
CA TYR A 159 -0.63 21.68 17.83
C TYR A 159 -2.00 22.07 17.32
N GLY A 160 -2.17 23.34 16.97
CA GLY A 160 -3.41 23.81 16.39
C GLY A 160 -4.22 24.60 17.40
N THR A 161 -5.46 24.87 17.05
CA THR A 161 -6.33 25.70 17.87
C THR A 161 -6.46 25.10 19.27
N PRO A 162 -6.03 25.85 20.30
CA PRO A 162 -6.08 25.33 21.68
C PRO A 162 -7.50 25.05 22.14
N TRP A 163 -7.65 24.07 23.01
CA TRP A 163 -8.84 23.98 23.83
C TRP A 163 -9.12 25.31 24.55
N THR A 164 -10.41 25.64 24.69
CA THR A 164 -10.83 26.79 25.55
C THR A 164 -10.84 26.35 27.02
N HIS A 165 -10.90 27.36 27.88
CA HIS A 165 -11.07 27.17 29.29
C HIS A 165 -12.25 26.25 29.57
N GLN A 166 -13.40 26.54 28.95
CA GLN A 166 -14.57 25.70 29.13
C GLN A 166 -14.36 24.27 28.64
N ASP A 167 -13.61 24.09 27.55
CA ASP A 167 -13.31 22.77 27.02
C ASP A 167 -12.56 21.97 28.08
N ARG A 168 -11.55 22.61 28.68
CA ARG A 168 -10.71 21.94 29.66
C ARG A 168 -11.52 21.51 30.88
N LEU A 169 -12.32 22.44 31.40
CA LEU A 169 -13.18 22.10 32.54
C LEU A 169 -14.08 20.89 32.23
N ASP A 170 -14.68 20.85 31.03
CA ASP A 170 -15.52 19.73 30.64
C ASP A 170 -14.73 18.39 30.53
N GLN A 171 -13.57 18.43 29.88
CA GLN A 171 -12.64 17.30 29.78
C GLN A 171 -12.30 16.76 31.17
N ILE A 172 -11.93 17.64 32.09
CA ILE A 172 -11.57 17.19 33.45
C ILE A 172 -12.72 16.38 34.11
N LYS A 173 -13.97 16.87 34.01
CA LYS A 173 -15.13 16.15 34.48
C LYS A 173 -15.33 14.80 33.80
N PHE A 174 -15.19 14.81 32.48
CA PHE A 174 -15.21 13.62 31.66
C PHE A 174 -14.13 12.61 32.12
N TYR A 175 -12.94 13.09 32.48
CA TYR A 175 -11.88 12.19 32.96
C TYR A 175 -12.29 11.50 34.26
N GLY A 176 -12.73 12.28 35.22
CA GLY A 176 -13.19 11.72 36.49
C GLY A 176 -14.28 10.69 36.26
N GLU A 177 -15.23 10.96 35.36
CA GLU A 177 -16.35 10.02 35.14
C GLU A 177 -15.91 8.65 34.64
N ASN A 178 -14.80 8.67 33.90
CA ASN A 178 -14.22 7.49 33.28
C ASN A 178 -12.96 6.98 34.00
N LYS A 179 -12.69 7.51 35.19
CA LYS A 179 -11.59 7.00 36.07
C LYS A 179 -10.16 7.26 35.53
N LEU A 180 -10.03 8.27 34.69
CA LEU A 180 -8.72 8.77 34.26
C LEU A 180 -8.27 9.77 35.30
N ASN A 181 -7.04 9.61 35.78
CA ASN A 181 -6.57 10.34 36.94
C ASN A 181 -5.43 11.34 36.68
N THR A 182 -5.13 11.60 35.39
CA THR A 182 -3.98 12.42 35.01
C THR A 182 -4.32 13.34 33.83
N TYR A 183 -4.01 14.62 34.02
CA TYR A 183 -4.12 15.60 32.96
C TYR A 183 -2.80 16.41 32.94
N ILE A 184 -2.00 16.23 31.90
CA ILE A 184 -0.79 17.05 31.76
C ILE A 184 -1.09 18.33 31.00
N TYR A 185 -1.05 19.42 31.74
CA TYR A 185 -1.36 20.72 31.19
C TYR A 185 -0.08 21.33 30.65
N ALA A 186 0.00 21.45 29.34
CA ALA A 186 1.16 22.04 28.69
C ALA A 186 0.74 22.58 27.35
N PRO A 187 -0.28 23.46 27.31
CA PRO A 187 -0.75 23.92 25.99
C PRO A 187 0.23 24.87 25.27
N LYS A 188 0.33 24.76 23.94
CA LYS A 188 1.15 25.67 23.15
C LYS A 188 0.72 27.15 23.29
N ASP A 189 -0.54 27.37 23.69
CA ASP A 189 -1.08 28.73 23.82
C ASP A 189 -0.80 29.47 25.15
N ASP A 190 -0.15 28.79 26.10
CA ASP A 190 0.09 29.36 27.44
C ASP A 190 1.59 29.60 27.61
N PRO A 191 2.01 30.87 27.47
CA PRO A 191 3.41 31.29 27.46
C PRO A 191 4.13 30.85 28.73
N TYR A 192 3.40 30.77 29.84
CA TYR A 192 4.00 30.45 31.14
C TYR A 192 4.50 29.01 31.27
N HIS A 193 4.27 28.21 30.23
CA HIS A 193 4.83 26.87 30.20
C HIS A 193 6.08 26.79 29.30
N ARG A 194 6.31 27.82 28.49
CA ARG A 194 7.42 27.77 27.53
C ARG A 194 8.07 29.13 27.35
N GLU A 195 7.44 30.01 26.58
CA GLU A 195 8.14 31.29 26.27
C GLU A 195 8.38 32.17 27.48
N LYS A 196 7.63 31.94 28.53
CA LYS A 196 7.86 32.65 29.79
C LYS A 196 7.98 31.69 30.97
N TRP A 197 8.70 30.59 30.75
CA TRP A 197 8.77 29.48 31.70
C TRP A 197 9.33 29.86 33.06
N ARG A 198 10.17 30.90 33.07
CA ARG A 198 10.78 31.37 34.32
C ARG A 198 9.79 32.13 35.22
N GLU A 199 8.73 32.66 34.63
CA GLU A 199 7.90 33.63 35.34
C GLU A 199 6.71 32.95 36.00
N PRO A 200 6.44 33.29 37.27
CA PRO A 200 5.15 32.95 37.90
C PRO A 200 3.97 33.50 37.10
N TYR A 201 2.83 32.82 37.17
CA TYR A 201 1.60 33.35 36.58
C TYR A 201 1.24 34.67 37.24
N PRO A 202 0.94 35.71 36.45
CA PRO A 202 0.53 37.00 37.04
C PRO A 202 -0.90 36.91 37.57
N GLU A 203 -1.33 37.93 38.30
CA GLU A 203 -2.63 37.93 38.97
C GLU A 203 -3.80 37.73 38.03
N SER A 204 -3.69 38.27 36.82
CA SER A 204 -4.78 38.17 35.84
C SER A 204 -4.98 36.75 35.29
N GLU A 205 -4.03 35.86 35.56
CA GLU A 205 -4.13 34.50 35.05
C GLU A 205 -4.55 33.49 36.13
N MET A 206 -4.61 33.96 37.37
CA MET A 206 -4.68 33.08 38.54
C MET A 206 -6.04 32.43 38.76
N GLN A 207 -7.12 33.14 38.46
CA GLN A 207 -8.43 32.56 38.62
C GLN A 207 -8.60 31.41 37.60
N ARG A 208 -8.12 31.65 36.38
CA ARG A 208 -8.17 30.65 35.35
C ARG A 208 -7.41 29.42 35.79
N MET A 209 -6.16 29.60 36.18
CA MET A 209 -5.33 28.47 36.61
C MET A 209 -5.92 27.73 37.84
N GLN A 210 -6.42 28.49 38.80
CA GLN A 210 -7.01 27.92 40.02
C GLN A 210 -8.22 27.05 39.75
N GLU A 211 -9.09 27.51 38.85
CA GLU A 211 -10.25 26.75 38.41
C GLU A 211 -9.89 25.39 37.83
N LEU A 212 -8.84 25.34 37.02
CA LEU A 212 -8.35 24.07 36.47
C LEU A 212 -7.79 23.16 37.56
N ILE A 213 -6.98 23.73 38.46
CA ILE A 213 -6.41 22.98 39.61
C ILE A 213 -7.53 22.45 40.49
N ASN A 214 -8.44 23.33 40.87
CA ASN A 214 -9.60 22.97 41.67
C ASN A 214 -10.46 21.86 41.06
N ALA A 215 -10.74 21.95 39.75
CA ALA A 215 -11.58 20.95 39.10
C ALA A 215 -10.88 19.60 39.02
N SER A 216 -9.58 19.63 38.74
CA SER A 216 -8.76 18.44 38.76
C SER A 216 -8.89 17.72 40.10
N ALA A 217 -8.64 18.44 41.19
CA ALA A 217 -8.71 17.86 42.54
C ALA A 217 -10.10 17.27 42.84
N GLU A 218 -11.16 18.01 42.48
CA GLU A 218 -12.54 17.58 42.72
C GLU A 218 -12.92 16.27 42.00
N ASN A 219 -12.19 15.95 40.95
CA ASN A 219 -12.50 14.84 40.07
C ASN A 219 -11.41 13.79 40.18
N LYS A 220 -10.60 13.93 41.24
CA LYS A 220 -9.46 13.05 41.50
C LYS A 220 -8.49 12.96 40.32
N VAL A 221 -8.35 14.07 39.59
CA VAL A 221 -7.41 14.18 38.46
C VAL A 221 -6.13 14.87 38.96
N ASP A 222 -4.99 14.21 38.76
CA ASP A 222 -3.66 14.80 39.01
C ASP A 222 -3.37 15.84 37.95
N PHE A 223 -3.28 17.11 38.37
CA PHE A 223 -3.04 18.19 37.44
C PHE A 223 -1.54 18.32 37.35
N VAL A 224 -0.97 17.89 36.23
CA VAL A 224 0.47 17.93 36.07
C VAL A 224 0.84 19.17 35.28
N PHE A 225 1.63 20.04 35.89
CA PHE A 225 2.12 21.18 35.16
C PHE A 225 3.34 20.81 34.27
N GLY A 226 3.18 20.96 32.96
CA GLY A 226 4.24 20.70 32.00
C GLY A 226 5.00 21.99 31.71
N ILE A 227 6.32 21.93 31.90
CA ILE A 227 7.22 23.06 31.66
C ILE A 227 8.25 22.68 30.58
N SER A 228 8.45 23.57 29.62
CA SER A 228 9.38 23.32 28.50
C SER A 228 10.42 24.43 28.49
N PRO A 229 11.51 24.26 29.26
CA PRO A 229 12.48 25.37 29.37
C PRO A 229 13.45 25.39 28.20
N GLY A 230 13.31 24.41 27.31
CA GLY A 230 14.30 24.11 26.27
C GLY A 230 14.59 25.24 25.31
N ILE A 231 13.58 26.09 25.09
CA ILE A 231 13.69 27.28 24.26
C ILE A 231 14.94 28.14 24.56
N ASP A 232 15.28 28.30 25.85
CA ASP A 232 16.41 29.15 26.21
C ASP A 232 17.09 28.87 27.55
N ILE A 233 16.86 27.69 28.13
CA ILE A 233 17.51 27.37 29.40
C ILE A 233 19.05 27.31 29.21
N ARG A 234 19.76 27.79 30.22
CA ARG A 234 21.23 27.68 30.30
C ARG A 234 21.66 26.59 31.32
N PHE A 235 22.74 25.87 31.05
CA PHE A 235 23.20 24.79 31.94
C PHE A 235 24.55 25.11 32.58
N ASP A 236 25.45 25.67 31.78
CA ASP A 236 26.83 25.93 32.16
C ASP A 236 26.89 26.99 33.24
N GLY A 237 27.83 26.80 34.19
CA GLY A 237 28.22 27.79 35.18
C GLY A 237 27.13 28.52 35.95
N ASP A 238 27.32 29.83 36.14
CA ASP A 238 26.42 30.66 36.94
C ASP A 238 25.09 30.98 36.25
N ALA A 239 25.12 31.13 34.92
CA ALA A 239 23.88 31.31 34.16
C ALA A 239 23.00 30.10 34.39
N GLY A 240 23.59 28.91 34.24
CA GLY A 240 22.94 27.63 34.60
C GLY A 240 22.30 27.69 36.00
N GLU A 241 23.12 28.08 36.97
CA GLU A 241 22.72 28.25 38.37
C GLU A 241 21.50 29.13 38.56
N GLU A 242 21.53 30.32 37.95
CA GLU A 242 20.41 31.24 37.98
C GLU A 242 19.13 30.62 37.37
N ASP A 243 19.29 29.80 36.35
CA ASP A 243 18.14 29.23 35.66
C ASP A 243 17.53 28.06 36.41
N PHE A 244 18.38 27.25 37.06
CA PHE A 244 17.90 26.20 37.94
C PHE A 244 17.04 26.80 39.04
N ASN A 245 17.50 27.93 39.56
CA ASN A 245 16.78 28.66 40.58
C ASN A 245 15.46 29.25 40.10
N HIS A 246 15.40 29.70 38.84
CA HIS A 246 14.12 30.11 38.21
C HIS A 246 13.14 28.94 38.13
N LEU A 247 13.68 27.77 37.78
CA LEU A 247 12.92 26.51 37.72
C LEU A 247 12.31 26.24 39.10
N ILE A 248 13.14 26.33 40.15
CA ILE A 248 12.66 26.21 41.53
C ILE A 248 11.61 27.28 41.87
N THR A 249 11.90 28.55 41.61
CA THR A 249 10.92 29.57 42.01
C THR A 249 9.57 29.44 41.26
N LYS A 250 9.62 28.99 40.01
CA LYS A 250 8.43 28.73 39.22
C LYS A 250 7.63 27.52 39.72
N ALA A 251 8.32 26.41 39.98
CA ALA A 251 7.68 25.26 40.62
C ALA A 251 7.01 25.66 41.93
N GLU A 252 7.75 26.40 42.76
CA GLU A 252 7.19 26.93 44.02
C GLU A 252 5.88 27.75 43.86
N SER A 253 5.86 28.68 42.90
CA SER A 253 4.65 29.47 42.66
C SER A 253 3.49 28.61 42.18
N LEU A 254 3.79 27.53 41.45
CA LEU A 254 2.75 26.56 41.08
C LEU A 254 2.28 25.67 42.26
N TYR A 255 3.24 25.23 43.07
CA TYR A 255 2.96 24.49 44.32
C TYR A 255 2.02 25.30 45.20
N ASP A 256 2.29 26.60 45.32
CA ASP A 256 1.53 27.49 46.19
C ASP A 256 0.08 27.73 45.76
N MET A 257 -0.24 27.47 44.51
CA MET A 257 -1.64 27.51 44.12
C MET A 257 -2.26 26.11 44.05
N GLY A 258 -1.49 25.08 44.43
CA GLY A 258 -2.04 23.74 44.66
C GLY A 258 -1.47 22.62 43.80
N VAL A 259 -0.57 22.95 42.89
CA VAL A 259 0.02 21.96 41.97
C VAL A 259 0.90 20.95 42.69
N ARG A 260 0.64 19.67 42.45
CA ARG A 260 1.40 18.60 43.11
C ARG A 260 2.13 17.64 42.13
N SER A 261 1.98 17.85 40.81
CA SER A 261 2.73 17.07 39.80
C SER A 261 3.34 18.00 38.77
N PHE A 262 4.52 17.60 38.29
CA PHE A 262 5.34 18.44 37.42
C PHE A 262 5.96 17.61 36.31
N ALA A 263 6.01 18.21 35.12
CA ALA A 263 6.70 17.58 33.99
C ALA A 263 7.70 18.56 33.37
N ILE A 264 8.90 18.08 33.12
CA ILE A 264 9.93 18.87 32.49
C ILE A 264 10.30 18.20 31.16
N TYR A 265 10.01 18.92 30.06
CA TYR A 265 10.18 18.43 28.68
C TYR A 265 11.54 18.83 28.14
N TRP A 266 12.21 17.91 27.44
CA TRP A 266 13.45 18.24 26.73
C TRP A 266 13.36 17.96 25.22
N ASP A 267 12.14 17.84 24.73
CA ASP A 267 11.91 17.38 23.39
C ASP A 267 12.29 18.40 22.29
N ASP A 268 12.48 19.67 22.66
CA ASP A 268 12.62 20.72 21.65
C ASP A 268 13.81 21.64 21.92
N ILE A 269 14.85 21.11 22.54
CA ILE A 269 15.97 21.94 22.97
C ILE A 269 17.07 21.88 21.90
N GLN A 270 17.82 22.97 21.75
CA GLN A 270 18.97 22.96 20.82
C GLN A 270 20.21 22.31 21.46
N ASP A 271 20.61 22.78 22.64
CA ASP A 271 21.66 22.11 23.46
C ASP A 271 21.24 20.66 23.83
N LYS A 272 21.64 19.70 22.98
CA LYS A 272 21.23 18.29 23.11
C LYS A 272 22.11 17.39 24.06
N SER A 273 22.30 17.86 25.28
CA SER A 273 23.21 17.25 26.21
C SER A 273 22.51 16.46 27.32
N ALA A 274 22.58 15.14 27.23
CA ALA A 274 21.87 14.23 28.12
C ALA A 274 22.31 14.40 29.57
N ALA A 275 23.62 14.57 29.78
CA ALA A 275 24.15 14.79 31.11
C ALA A 275 23.52 16.03 31.74
N LYS A 276 23.32 17.08 30.96
CA LYS A 276 22.83 18.34 31.52
C LYS A 276 21.31 18.31 31.78
N HIS A 277 20.54 17.69 30.87
CA HIS A 277 19.11 17.48 31.11
C HIS A 277 18.84 16.67 32.41
N ALA A 278 19.55 15.55 32.54
CA ALA A 278 19.41 14.65 33.66
C ALA A 278 19.91 15.28 34.93
N GLN A 279 20.93 16.14 34.86
CA GLN A 279 21.37 16.87 36.05
C GLN A 279 20.31 17.82 36.55
N VAL A 280 19.68 18.57 35.66
CA VAL A 280 18.58 19.46 36.07
C VAL A 280 17.46 18.67 36.80
N LEU A 281 17.09 17.54 36.20
CA LEU A 281 16.04 16.67 36.72
C LEU A 281 16.34 16.11 38.10
N ASN A 282 17.58 15.62 38.26
CA ASN A 282 18.02 15.03 39.50
C ASN A 282 18.08 16.09 40.59
N ARG A 283 18.58 17.26 40.24
CA ARG A 283 18.66 18.33 41.24
C ARG A 283 17.26 18.81 41.61
N PHE A 284 16.33 18.82 40.64
CA PHE A 284 14.95 19.24 40.88
C PHE A 284 14.22 18.20 41.72
N ASN A 285 14.46 16.92 41.43
CA ASN A 285 13.88 15.80 42.16
C ASN A 285 14.24 15.97 43.61
N GLU A 286 15.48 16.37 43.84
CA GLU A 286 16.06 16.50 45.18
C GLU A 286 15.65 17.75 45.95
N GLU A 287 15.78 18.92 45.31
CA GLU A 287 15.60 20.19 46.02
C GLU A 287 14.16 20.64 46.00
N PHE A 288 13.31 19.95 45.24
CA PHE A 288 11.90 20.30 45.17
C PHE A 288 10.96 19.15 45.48
N VAL A 289 10.95 18.14 44.62
CA VAL A 289 10.07 16.97 44.77
C VAL A 289 10.15 16.34 46.19
N LYS A 290 11.36 15.94 46.59
CA LYS A 290 11.65 15.34 47.89
C LYS A 290 11.51 16.30 49.06
N ALA A 291 12.06 17.52 48.89
CA ALA A 291 11.95 18.53 49.93
C ALA A 291 10.47 18.73 50.31
N LYS A 292 9.60 18.72 49.31
CA LYS A 292 8.19 18.97 49.54
C LYS A 292 7.43 17.86 50.25
N GLY A 293 7.79 16.61 49.99
CA GLY A 293 7.10 15.47 50.61
C GLY A 293 5.79 15.02 49.95
N ASP A 294 5.02 15.94 49.39
CA ASP A 294 3.72 15.55 48.81
C ASP A 294 3.64 15.79 47.31
N VAL A 295 4.80 15.83 46.67
CA VAL A 295 4.84 15.99 45.22
C VAL A 295 4.96 14.60 44.63
N LYS A 296 4.10 14.32 43.66
CA LYS A 296 4.11 13.09 42.92
C LYS A 296 5.44 12.98 42.18
N PRO A 297 5.82 11.76 41.74
CA PRO A 297 7.05 11.60 40.95
C PRO A 297 7.18 12.57 39.77
N LEU A 298 8.40 13.09 39.61
CA LEU A 298 8.80 13.91 38.49
C LEU A 298 8.64 13.19 37.18
N ILE A 299 8.13 13.92 36.20
CA ILE A 299 7.93 13.39 34.86
C ILE A 299 8.86 14.15 33.89
N THR A 300 9.30 13.43 32.86
CA THR A 300 10.20 13.98 31.85
C THR A 300 9.98 13.40 30.44
N VAL A 301 10.27 14.23 29.47
CA VAL A 301 10.26 13.86 28.03
C VAL A 301 11.68 14.10 27.62
N PRO A 302 12.46 13.03 27.39
CA PRO A 302 13.86 13.21 27.00
C PRO A 302 13.91 13.61 25.51
N THR A 303 14.99 14.25 25.09
CA THR A 303 15.06 14.72 23.70
C THR A 303 14.84 13.58 22.69
N GLU A 304 15.32 12.38 22.97
CA GLU A 304 15.00 11.20 22.15
C GLU A 304 13.85 10.48 22.87
N TYR A 305 12.68 10.50 22.25
CA TYR A 305 11.46 10.02 22.92
C TYR A 305 10.67 8.99 22.11
N ASP A 306 11.19 8.59 20.95
CA ASP A 306 10.61 7.42 20.29
C ASP A 306 11.73 6.41 20.04
N THR A 307 11.39 5.13 19.84
CA THR A 307 12.42 4.08 19.77
C THR A 307 13.40 4.29 18.61
N GLY A 308 12.93 4.78 17.46
CA GLY A 308 13.81 5.07 16.31
C GLY A 308 14.87 6.13 16.63
N ALA A 309 14.49 7.16 17.37
CA ALA A 309 15.45 8.16 17.80
C ALA A 309 16.29 7.71 18.99
N MET A 310 15.83 6.71 19.76
CA MET A 310 16.49 6.32 21.02
C MET A 310 17.48 5.18 20.84
N VAL A 311 17.28 4.40 19.78
CA VAL A 311 17.90 3.10 19.69
C VAL A 311 18.45 2.90 18.30
N SER A 312 19.61 2.25 18.25
CA SER A 312 20.28 1.89 17.00
C SER A 312 20.87 0.50 17.14
N ASN A 313 20.53 -0.39 16.21
CA ASN A 313 20.92 -1.83 16.27
C ASN A 313 20.67 -2.46 17.65
N GLY A 314 19.46 -2.31 18.17
CA GLY A 314 19.08 -2.85 19.50
C GLY A 314 19.81 -2.29 20.72
N GLN A 315 20.66 -1.29 20.51
CA GLN A 315 21.38 -0.63 21.62
C GLN A 315 21.00 0.85 21.73
N PRO A 316 21.08 1.42 22.94
CA PRO A 316 20.70 2.83 23.05
C PRO A 316 21.71 3.72 22.33
N ARG A 317 21.22 4.78 21.68
CA ARG A 317 22.13 5.78 21.11
C ARG A 317 22.76 6.52 22.28
N ALA A 318 23.73 7.39 22.00
CA ALA A 318 24.50 8.00 23.10
C ALA A 318 23.66 8.85 24.04
N TYR A 319 22.76 9.68 23.51
CA TYR A 319 21.95 10.55 24.37
C TYR A 319 21.15 9.69 25.37
N THR A 320 20.41 8.71 24.83
CA THR A 320 19.60 7.78 25.61
C THR A 320 20.44 6.95 26.56
N ARG A 321 21.62 6.49 26.11
CA ARG A 321 22.55 5.78 27.00
C ARG A 321 22.94 6.61 28.21
N ILE A 322 23.33 7.86 27.99
CA ILE A 322 23.75 8.76 29.07
C ILE A 322 22.58 9.19 29.94
N PHE A 323 21.47 9.62 29.30
CA PHE A 323 20.28 10.10 30.02
C PHE A 323 19.80 9.02 30.98
N ALA A 324 19.68 7.79 30.49
CA ALA A 324 19.22 6.63 31.27
C ALA A 324 20.18 6.27 32.40
N GLU A 325 21.49 6.33 32.15
CA GLU A 325 22.43 6.02 33.23
C GLU A 325 22.49 7.15 34.26
N THR A 326 22.05 8.35 33.90
CA THR A 326 22.14 9.47 34.87
C THR A 326 20.82 9.74 35.60
N VAL A 327 19.68 9.55 34.92
CA VAL A 327 18.41 10.00 35.49
C VAL A 327 17.95 9.20 36.74
N ASP A 328 17.71 9.89 37.83
CA ASP A 328 17.14 9.26 39.03
C ASP A 328 16.09 8.17 38.71
N PRO A 329 16.21 6.99 39.38
CA PRO A 329 15.28 5.85 39.30
C PRO A 329 13.80 6.17 39.57
N SER A 330 13.50 7.23 40.31
CA SER A 330 12.10 7.59 40.61
C SER A 330 11.42 8.44 39.55
N ILE A 331 12.17 8.96 38.60
CA ILE A 331 11.62 9.87 37.59
C ILE A 331 10.90 9.05 36.51
N GLU A 332 9.66 9.42 36.19
CA GLU A 332 8.92 8.82 35.10
C GLU A 332 9.46 9.38 33.78
N VAL A 333 9.81 8.47 32.89
CA VAL A 333 10.34 8.82 31.59
C VAL A 333 9.30 8.40 30.56
N MET A 334 8.86 9.37 29.76
CA MET A 334 7.89 9.17 28.67
C MET A 334 8.53 8.80 27.33
N TRP A 335 7.85 7.94 26.61
CA TRP A 335 8.20 7.65 25.22
C TRP A 335 6.93 7.35 24.45
N THR A 336 7.00 7.54 23.14
CA THR A 336 5.84 7.47 22.29
C THR A 336 5.64 6.07 21.67
N GLY A 337 6.56 5.14 21.91
CA GLY A 337 6.58 3.90 21.13
C GLY A 337 7.66 3.84 20.06
N PRO A 338 7.58 2.84 19.15
CA PRO A 338 8.58 2.64 18.06
C PRO A 338 8.78 3.87 17.18
N GLY A 339 7.80 4.77 17.13
CA GLY A 339 7.98 6.03 16.44
C GLY A 339 7.08 7.05 17.11
N VAL A 340 7.08 8.27 16.59
CA VAL A 340 6.34 9.36 17.20
C VAL A 340 4.84 9.09 17.03
N VAL A 341 4.40 8.76 15.80
CA VAL A 341 3.02 8.33 15.54
C VAL A 341 3.17 7.03 14.77
N THR A 342 2.87 5.89 15.43
CA THR A 342 3.07 4.53 14.91
C THR A 342 1.86 3.62 15.12
N ASN A 343 1.80 2.56 14.31
CA ASN A 343 0.75 1.55 14.35
C ASN A 343 0.60 0.94 15.73
N GLU A 344 1.73 0.70 16.38
CA GLU A 344 1.66 -0.11 17.59
C GLU A 344 2.79 0.08 18.57
N ILE A 345 2.55 -0.46 19.76
CA ILE A 345 3.61 -0.72 20.73
C ILE A 345 3.53 -2.22 21.02
N PRO A 346 4.34 -3.02 20.33
CA PRO A 346 4.38 -4.42 20.77
C PRO A 346 5.05 -4.52 22.12
N LEU A 347 4.82 -5.64 22.80
CA LEU A 347 5.50 -5.94 24.05
C LEU A 347 7.02 -5.79 23.94
N SER A 348 7.59 -6.29 22.84
CA SER A 348 9.07 -6.34 22.68
C SER A 348 9.67 -4.91 22.72
N ASP A 349 8.97 -3.93 22.15
CA ASP A 349 9.37 -2.52 22.22
C ASP A 349 9.37 -1.96 23.64
N ALA A 350 8.31 -2.22 24.40
CA ALA A 350 8.27 -1.79 25.79
C ALA A 350 9.33 -2.50 26.63
N GLN A 351 9.50 -3.81 26.39
CA GLN A 351 10.59 -4.56 27.03
C GLN A 351 11.99 -3.94 26.75
N LEU A 352 12.26 -3.60 25.49
CA LEU A 352 13.49 -2.92 25.09
C LEU A 352 13.74 -1.58 25.81
N ILE A 353 12.77 -0.66 25.73
CA ILE A 353 12.92 0.67 26.34
C ILE A 353 12.93 0.61 27.88
N SER A 354 12.04 -0.20 28.45
CA SER A 354 12.11 -0.51 29.88
C SER A 354 13.46 -1.13 30.32
N GLY A 355 14.01 -2.03 29.51
CA GLY A 355 15.31 -2.60 29.87
C GLY A 355 16.39 -1.51 29.88
N ILE A 356 16.43 -0.69 28.82
CA ILE A 356 17.36 0.45 28.75
C ILE A 356 17.29 1.37 29.98
N TYR A 357 16.08 1.65 30.46
CA TYR A 357 15.88 2.60 31.56
C TYR A 357 15.80 1.95 32.92
N ASN A 358 15.85 0.61 32.95
CA ASN A 358 15.70 -0.14 34.20
C ASN A 358 14.55 0.37 35.10
N ARG A 359 13.36 0.51 34.52
CA ARG A 359 12.13 0.90 35.24
C ARG A 359 10.90 0.75 34.33
N ASN A 360 9.73 0.84 34.96
CA ASN A 360 8.47 0.98 34.27
C ASN A 360 8.35 2.32 33.57
N MET A 361 7.96 2.26 32.32
CA MET A 361 7.98 3.41 31.48
C MET A 361 6.64 4.16 31.54
N ALA A 362 6.62 5.34 30.93
CA ALA A 362 5.45 6.15 30.84
C ALA A 362 5.19 6.31 29.34
N VAL A 363 3.94 6.15 28.90
CA VAL A 363 3.61 6.23 27.49
C VAL A 363 2.92 7.56 27.13
N TRP A 364 3.36 8.19 26.05
CA TRP A 364 2.77 9.37 25.49
C TRP A 364 2.30 8.85 24.14
N TRP A 365 1.00 8.56 24.06
CA TRP A 365 0.48 7.87 22.91
C TRP A 365 -0.19 8.90 22.02
N ASN A 366 0.36 9.05 20.82
CA ASN A 366 -0.10 10.09 19.87
C ASN A 366 -1.27 9.62 19.01
N TYR A 367 -2.36 9.26 19.69
CA TYR A 367 -3.68 9.03 19.08
C TYR A 367 -4.69 9.29 20.22
N PRO A 368 -5.79 10.02 19.94
CA PRO A 368 -6.31 10.46 18.62
C PRO A 368 -5.79 11.80 18.04
N VAL A 369 -4.69 12.35 18.56
CA VAL A 369 -4.15 13.61 18.01
C VAL A 369 -4.15 13.62 16.46
N THR A 370 -4.64 14.72 15.87
CA THR A 370 -4.69 14.83 14.41
C THR A 370 -3.93 16.06 13.85
N ASP A 371 -3.10 16.70 14.68
CA ASP A 371 -2.40 17.93 14.25
C ASP A 371 -1.55 17.80 12.96
N TYR A 372 -1.08 16.59 12.66
CA TYR A 372 -0.23 16.28 11.51
C TYR A 372 -1.05 15.95 10.24
N PHE A 373 -2.37 15.91 10.40
CA PHE A 373 -3.23 15.53 9.34
C PHE A 373 -4.65 16.00 9.71
N LYS A 374 -4.82 17.31 9.81
CA LYS A 374 -5.96 17.95 10.42
C LYS A 374 -7.32 17.75 9.72
N GLY A 375 -7.29 17.46 8.43
CA GLY A 375 -8.53 17.27 7.65
C GLY A 375 -9.33 16.05 8.14
N LYS A 376 -8.67 15.15 8.83
CA LYS A 376 -9.32 13.91 9.23
C LYS A 376 -9.45 13.87 10.74
N LEU A 377 -10.62 13.40 11.16
CA LEU A 377 -10.91 13.12 12.56
C LEU A 377 -10.47 11.70 12.96
N ALA A 378 -9.90 11.57 14.15
CA ALA A 378 -9.47 10.27 14.64
C ALA A 378 -10.49 9.78 15.65
N LEU A 379 -11.35 8.88 15.22
CA LEU A 379 -12.52 8.48 15.98
C LEU A 379 -12.53 7.00 16.34
N GLY A 380 -11.35 6.38 16.35
CA GLY A 380 -11.28 4.95 16.66
C GLY A 380 -10.76 4.69 18.06
N PRO A 381 -10.72 3.40 18.45
CA PRO A 381 -10.31 2.98 19.77
C PRO A 381 -8.81 2.93 19.90
N MET A 382 -8.31 2.88 21.13
CA MET A 382 -6.92 2.41 21.33
C MET A 382 -6.68 1.18 20.44
N HIS A 383 -5.64 1.25 19.61
CA HIS A 383 -5.41 0.16 18.68
C HIS A 383 -3.92 -0.03 18.47
N GLY A 384 -3.46 -1.28 18.56
CA GLY A 384 -2.05 -1.58 18.40
C GLY A 384 -1.24 -1.64 19.68
N LEU A 385 -1.87 -1.29 20.81
CA LEU A 385 -1.17 -1.32 22.10
C LEU A 385 -1.31 -2.71 22.74
N ASP A 386 -0.18 -3.33 23.02
CA ASP A 386 -0.16 -4.69 23.49
C ASP A 386 -0.93 -4.81 24.82
N LYS A 387 -1.66 -5.90 24.99
CA LYS A 387 -2.47 -6.08 26.21
C LYS A 387 -1.67 -6.50 27.42
N GLY A 388 -0.37 -6.77 27.20
CA GLY A 388 0.56 -7.12 28.30
C GLY A 388 1.46 -5.94 28.68
N LEU A 389 1.16 -4.75 28.12
CA LEU A 389 2.02 -3.56 28.27
C LEU A 389 2.32 -3.15 29.72
N ASN A 390 1.37 -3.42 30.61
CA ASN A 390 1.48 -3.07 32.03
C ASN A 390 2.68 -3.70 32.69
N GLN A 391 3.26 -4.69 31.99
CA GLN A 391 4.41 -5.41 32.53
C GLN A 391 5.63 -4.47 32.57
N TYR A 392 5.64 -3.46 31.69
CA TYR A 392 6.79 -2.56 31.53
C TYR A 392 6.43 -1.08 31.63
N VAL A 393 5.14 -0.80 31.84
CA VAL A 393 4.59 0.56 31.81
C VAL A 393 3.60 0.72 32.94
N ASP A 394 3.72 1.80 33.71
CA ASP A 394 2.72 2.06 34.75
C ASP A 394 2.20 3.49 34.67
N PHE A 395 2.22 4.07 33.48
CA PHE A 395 1.82 5.45 33.31
C PHE A 395 1.42 5.61 31.85
N PHE A 396 0.13 5.81 31.59
CA PHE A 396 -0.36 5.81 30.21
C PHE A 396 -1.16 7.02 29.86
N THR A 397 -0.65 7.83 28.94
CA THR A 397 -1.39 9.00 28.49
C THR A 397 -1.62 9.02 26.97
N VAL A 398 -2.74 9.62 26.55
CA VAL A 398 -2.99 9.88 25.17
C VAL A 398 -2.95 11.38 24.86
N ASN A 399 -2.38 11.69 23.70
CA ASN A 399 -2.45 13.00 23.12
C ASN A 399 -3.72 13.11 22.23
N PRO A 400 -4.65 14.03 22.58
CA PRO A 400 -5.92 14.04 21.85
C PRO A 400 -5.94 15.06 20.69
N MET A 401 -7.11 15.25 20.08
CA MET A 401 -7.28 16.21 18.99
C MET A 401 -7.52 17.61 19.55
N GLU A 402 -7.31 18.62 18.72
CA GLU A 402 -7.77 19.98 19.04
C GLU A 402 -9.29 19.98 19.18
N HIS A 403 -9.95 18.97 18.62
CA HIS A 403 -11.40 18.75 18.75
C HIS A 403 -11.68 18.03 20.07
N ALA A 404 -11.91 18.81 21.12
CA ALA A 404 -12.14 18.28 22.46
C ALA A 404 -13.35 17.35 22.55
N GLU A 405 -14.47 17.73 21.94
CA GLU A 405 -15.69 16.90 22.06
C GLU A 405 -15.60 15.51 21.41
N LEU A 406 -15.10 15.44 20.18
CA LEU A 406 -15.01 14.15 19.46
C LEU A 406 -13.86 13.30 19.91
N SER A 407 -12.87 13.94 20.56
CA SER A 407 -11.76 13.23 21.20
C SER A 407 -12.25 12.25 22.25
N LYS A 408 -13.44 12.51 22.80
CA LYS A 408 -13.99 11.68 23.87
C LYS A 408 -14.27 10.24 23.45
N ILE A 409 -14.48 9.98 22.16
CA ILE A 409 -14.73 8.59 21.73
C ILE A 409 -13.47 7.73 21.95
N SER A 410 -12.34 8.18 21.43
CA SER A 410 -11.08 7.47 21.66
C SER A 410 -10.59 7.43 23.14
N ILE A 411 -10.64 8.60 23.78
CA ILE A 411 -10.34 8.73 25.19
C ILE A 411 -11.18 7.71 26.00
N HIS A 412 -12.49 7.63 25.71
CA HIS A 412 -13.35 6.66 26.37
C HIS A 412 -12.68 5.29 26.36
N THR A 413 -12.18 4.86 25.20
CA THR A 413 -11.60 3.52 25.05
C THR A 413 -10.29 3.41 25.78
N ALA A 414 -9.61 4.54 25.93
CA ALA A 414 -8.31 4.58 26.59
C ALA A 414 -8.49 4.36 28.11
N ALA A 415 -9.59 4.89 28.64
CA ALA A 415 -10.04 4.67 30.01
C ALA A 415 -10.19 3.18 30.26
N ASP A 416 -10.92 2.48 29.38
CA ASP A 416 -11.09 1.04 29.46
C ASP A 416 -9.77 0.27 29.27
N TYR A 417 -8.94 0.67 28.31
CA TYR A 417 -7.66 -0.02 28.08
C TYR A 417 -6.69 0.01 29.28
N SER A 418 -6.51 1.20 29.86
CA SER A 418 -5.52 1.37 30.94
C SER A 418 -6.01 0.89 32.31
N TRP A 419 -7.34 0.92 32.51
CA TRP A 419 -7.90 0.47 33.78
C TRP A 419 -8.07 -1.07 33.79
N ASN A 420 -8.55 -1.63 32.68
CA ASN A 420 -8.77 -3.08 32.58
C ASN A 420 -8.17 -3.58 31.28
N MET A 421 -6.86 -3.80 31.31
CA MET A 421 -6.09 -4.02 30.10
C MET A 421 -6.19 -5.44 29.57
N ASP A 422 -6.24 -6.41 30.49
CA ASP A 422 -6.25 -7.82 30.12
C ASP A 422 -7.48 -8.15 29.26
N ASN A 423 -8.56 -7.46 29.55
CA ASN A 423 -9.84 -7.75 28.95
C ASN A 423 -10.26 -6.76 27.86
N TYR A 424 -9.38 -5.81 27.54
CA TYR A 424 -9.63 -4.81 26.49
C TYR A 424 -9.89 -5.45 25.11
N ASP A 425 -11.03 -5.09 24.54
CA ASP A 425 -11.47 -5.54 23.25
C ASP A 425 -11.76 -4.30 22.45
N TYR A 426 -10.84 -3.90 21.57
CA TYR A 426 -10.96 -2.59 20.93
C TYR A 426 -12.31 -2.40 20.22
N ASP A 427 -12.83 -3.46 19.58
CA ASP A 427 -14.09 -3.32 18.84
C ASP A 427 -15.30 -3.16 19.76
N LYS A 428 -15.40 -3.96 20.81
CA LYS A 428 -16.46 -3.74 21.81
C LYS A 428 -16.30 -2.42 22.61
N ALA A 429 -15.08 -2.09 23.04
CA ALA A 429 -14.80 -0.78 23.66
C ALA A 429 -15.23 0.41 22.78
N TRP A 430 -15.02 0.29 21.47
CA TRP A 430 -15.34 1.37 20.55
C TRP A 430 -16.86 1.53 20.44
N ASN A 431 -17.56 0.41 20.28
CA ASN A 431 -19.02 0.41 20.18
C ASN A 431 -19.62 1.00 21.41
N ARG A 432 -19.10 0.58 22.56
CA ARG A 432 -19.60 0.99 23.86
C ARG A 432 -19.33 2.47 24.09
N ALA A 433 -18.16 2.96 23.66
CA ALA A 433 -17.89 4.42 23.66
C ALA A 433 -18.99 5.23 22.95
N ILE A 434 -19.33 4.82 21.74
CA ILE A 434 -20.33 5.56 20.97
C ILE A 434 -21.75 5.39 21.58
N ASP A 435 -22.10 4.13 21.90
CA ASP A 435 -23.34 3.84 22.60
C ASP A 435 -23.50 4.72 23.86
N MET A 436 -22.43 4.83 24.66
CA MET A 436 -22.45 5.64 25.89
C MET A 436 -22.50 7.16 25.67
N LEU A 437 -21.77 7.66 24.67
CA LEU A 437 -21.72 9.10 24.44
C LEU A 437 -22.89 9.67 23.62
N TYR A 438 -23.56 8.84 22.80
CA TYR A 438 -24.41 9.41 21.71
C TYR A 438 -25.90 9.09 21.75
N GLY A 439 -26.28 8.25 22.71
CA GLY A 439 -27.68 8.00 22.96
C GLY A 439 -28.37 7.41 21.77
N ASP A 440 -29.47 8.03 21.38
CA ASP A 440 -30.25 7.55 20.23
C ASP A 440 -29.58 7.86 18.91
N LEU A 441 -28.50 8.63 18.94
CA LEU A 441 -27.68 8.85 17.71
C LEU A 441 -26.52 7.86 17.54
N ALA A 442 -26.34 6.95 18.50
CA ALA A 442 -25.20 6.02 18.54
C ALA A 442 -25.02 5.25 17.26
N GLU A 443 -26.09 4.62 16.78
CA GLU A 443 -26.01 3.81 15.57
C GLU A 443 -25.63 4.64 14.33
N ASP A 444 -26.20 5.83 14.20
CA ASP A 444 -25.80 6.72 13.10
C ASP A 444 -24.34 7.17 13.27
N MET A 445 -23.98 7.56 14.50
CA MET A 445 -22.60 7.93 14.80
C MET A 445 -21.56 6.83 14.52
N LYS A 446 -21.90 5.58 14.76
CA LYS A 446 -21.03 4.46 14.40
C LYS A 446 -20.84 4.36 12.89
N VAL A 447 -21.92 4.46 12.13
CA VAL A 447 -21.80 4.40 10.67
C VAL A 447 -20.72 5.41 10.20
N PHE A 448 -20.78 6.62 10.71
CA PHE A 448 -19.83 7.69 10.32
C PHE A 448 -18.41 7.51 10.86
N ALA A 449 -18.31 7.33 12.18
CA ALA A 449 -17.02 7.18 12.82
C ALA A 449 -16.28 5.94 12.32
N ASN A 450 -17.03 4.89 11.99
CA ASN A 450 -16.43 3.67 11.43
C ASN A 450 -15.47 3.95 10.22
N HIS A 451 -15.78 5.00 9.49
CA HIS A 451 -15.03 5.40 8.28
C HIS A 451 -13.90 6.35 8.61
N SER A 452 -13.67 6.58 9.88
CA SER A 452 -12.76 7.65 10.29
C SER A 452 -11.91 7.26 11.47
N THR A 453 -11.26 6.09 11.40
CA THR A 453 -10.37 5.64 12.47
C THR A 453 -8.87 5.63 12.11
N ARG A 454 -8.56 5.45 10.81
CA ARG A 454 -7.17 5.25 10.36
C ARG A 454 -6.50 6.59 10.06
N MET A 455 -5.34 6.81 10.69
CA MET A 455 -4.57 8.04 10.49
C MET A 455 -3.27 7.76 9.72
N ASP A 456 -3.01 8.57 8.71
CA ASP A 456 -1.82 8.38 7.87
C ASP A 456 -1.55 9.61 7.03
N ASN A 457 -0.45 10.31 7.34
CA ASN A 457 -0.08 11.50 6.54
C ASN A 457 0.76 11.17 5.29
N LYS A 458 0.90 9.86 5.02
CA LYS A 458 1.63 9.34 3.84
C LYS A 458 3.16 9.49 3.95
N THR A 459 3.67 10.03 5.05
CA THR A 459 5.09 10.03 5.25
C THR A 459 5.39 9.39 6.61
N TRP A 460 5.59 10.19 7.66
CA TRP A 460 6.18 9.69 8.89
C TRP A 460 5.17 9.23 9.97
N ALA A 461 3.90 9.59 9.80
CA ALA A 461 2.94 9.44 10.86
C ALA A 461 1.80 8.56 10.38
N LYS A 462 1.56 7.47 11.11
CA LYS A 462 0.37 6.64 10.82
C LYS A 462 -0.01 5.85 12.03
N SER A 463 -1.31 5.69 12.26
CA SER A 463 -1.83 4.91 13.38
C SER A 463 -3.36 4.75 13.32
N GLY A 464 -3.85 3.77 14.07
CA GLY A 464 -5.28 3.56 14.22
C GLY A 464 -5.78 2.29 13.51
N ARG A 465 -6.92 1.79 13.97
CA ARG A 465 -7.64 0.75 13.28
C ARG A 465 -7.90 1.18 11.84
N GLU A 466 -7.79 0.23 10.90
CA GLU A 466 -8.22 0.48 9.52
C GLU A 466 -9.68 0.99 9.46
N ASP A 467 -9.97 1.86 8.51
CA ASP A 467 -11.34 2.35 8.33
C ASP A 467 -12.25 1.22 7.86
N ALA A 468 -13.51 1.24 8.35
CA ALA A 468 -14.54 0.32 7.88
C ALA A 468 -14.04 -1.04 7.32
N PRO A 469 -13.42 -1.87 8.17
CA PRO A 469 -12.76 -3.14 7.69
C PRO A 469 -13.69 -4.10 6.98
N GLU A 470 -14.91 -4.22 7.49
CA GLU A 470 -15.90 -5.13 6.95
C GLU A 470 -16.34 -4.66 5.57
N LEU A 471 -16.56 -3.33 5.42
CA LEU A 471 -16.95 -2.77 4.13
C LEU A 471 -15.80 -2.96 3.13
N ARG A 472 -14.59 -2.67 3.55
CA ARG A 472 -13.43 -2.89 2.70
C ARG A 472 -13.31 -4.39 2.24
N ALA A 473 -13.67 -5.33 3.11
CA ALA A 473 -13.65 -6.78 2.74
C ALA A 473 -14.74 -7.11 1.74
N LYS A 474 -15.94 -6.54 1.92
CA LYS A 474 -17.02 -6.72 0.93
C LYS A 474 -16.63 -6.17 -0.46
N MET A 475 -16.03 -4.99 -0.46
CA MET A 475 -15.54 -4.37 -1.69
C MET A 475 -14.53 -5.26 -2.39
N ASP A 476 -13.51 -5.71 -1.65
CA ASP A 476 -12.55 -6.73 -2.15
C ASP A 476 -13.26 -7.96 -2.74
N GLU A 477 -14.24 -8.52 -2.02
CA GLU A 477 -14.99 -9.64 -2.58
C GLU A 477 -15.69 -9.31 -3.88
N LEU A 478 -16.27 -8.13 -3.99
CA LEU A 478 -16.89 -7.70 -5.23
C LEU A 478 -15.93 -7.80 -6.41
N TRP A 479 -14.76 -7.18 -6.28
CA TRP A 479 -13.76 -7.16 -7.34
C TRP A 479 -13.35 -8.57 -7.70
N ASN A 480 -13.15 -9.42 -6.71
CA ASN A 480 -12.75 -10.77 -7.08
C ASN A 480 -13.85 -11.64 -7.65
N LYS A 481 -15.10 -11.45 -7.21
CA LYS A 481 -16.23 -12.02 -7.96
C LYS A 481 -16.36 -11.53 -9.39
N LEU A 482 -16.28 -10.21 -9.59
CA LEU A 482 -16.49 -9.65 -10.90
C LEU A 482 -15.34 -10.03 -11.83
N SER A 483 -14.13 -10.20 -11.29
CA SER A 483 -12.99 -10.60 -12.10
C SER A 483 -12.79 -12.13 -12.15
N SER A 484 -13.69 -12.89 -11.52
CA SER A 484 -13.66 -14.34 -11.61
C SER A 484 -14.87 -14.92 -12.30
N LYS A 485 -15.69 -14.07 -12.95
CA LYS A 485 -16.97 -14.53 -13.55
C LYS A 485 -17.89 -15.23 -12.55
N GLU A 486 -17.93 -14.74 -11.33
CA GLU A 486 -18.86 -15.22 -10.35
C GLU A 486 -19.94 -14.16 -10.22
N ASP A 487 -21.20 -14.60 -10.12
CA ASP A 487 -22.36 -13.72 -10.00
C ASP A 487 -22.19 -12.74 -8.83
N ALA A 488 -22.15 -11.44 -9.14
CA ALA A 488 -21.88 -10.42 -8.10
C ALA A 488 -23.13 -9.66 -7.65
N SER A 489 -24.29 -10.07 -8.15
CA SER A 489 -25.56 -9.37 -7.89
C SER A 489 -25.85 -9.15 -6.43
N ALA A 490 -25.56 -10.15 -5.60
CA ALA A 490 -25.93 -10.01 -4.20
C ALA A 490 -25.03 -8.98 -3.54
N LEU A 491 -23.77 -9.01 -3.92
CA LEU A 491 -22.81 -8.08 -3.38
C LEU A 491 -23.14 -6.64 -3.79
N ILE A 492 -23.49 -6.45 -5.06
CA ILE A 492 -23.92 -5.19 -5.59
C ILE A 492 -25.13 -4.68 -4.81
N GLU A 493 -26.16 -5.54 -4.70
CA GLU A 493 -27.36 -5.22 -3.91
C GLU A 493 -27.01 -4.77 -2.49
N GLU A 494 -26.15 -5.53 -1.81
CA GLU A 494 -25.77 -5.24 -0.44
C GLU A 494 -25.01 -3.92 -0.34
N LEU A 495 -24.10 -3.69 -1.29
CA LEU A 495 -23.31 -2.46 -1.23
C LEU A 495 -24.19 -1.24 -1.47
N TYR A 496 -25.19 -1.35 -2.36
CA TYR A 496 -26.16 -0.26 -2.53
C TYR A 496 -26.78 0.11 -1.19
N GLY A 497 -27.12 -0.91 -0.39
CA GLY A 497 -27.72 -0.68 0.93
C GLY A 497 -26.75 0.02 1.85
N GLU A 498 -25.50 -0.36 1.76
CA GLU A 498 -24.54 0.21 2.68
C GLU A 498 -24.18 1.68 2.39
N PHE A 499 -24.09 2.02 1.12
CA PHE A 499 -23.81 3.39 0.71
C PHE A 499 -25.01 4.29 1.00
N ALA A 500 -26.21 3.78 0.77
CA ALA A 500 -27.42 4.53 1.12
C ALA A 500 -27.47 4.82 2.64
N ARG A 501 -27.04 3.82 3.43
CA ARG A 501 -27.05 3.96 4.89
C ARG A 501 -26.04 5.01 5.39
N MET A 502 -24.89 5.09 4.73
CA MET A 502 -23.84 6.04 5.04
C MET A 502 -24.38 7.46 4.92
N GLU A 503 -25.05 7.68 3.79
CA GLU A 503 -25.71 8.91 3.52
C GLU A 503 -26.86 9.22 4.50
N GLU A 504 -27.74 8.24 4.78
CA GLU A 504 -28.83 8.45 5.73
C GLU A 504 -28.29 8.79 7.13
N ALA A 505 -27.24 8.09 7.56
CA ALA A 505 -26.72 8.30 8.91
C ALA A 505 -26.13 9.71 9.04
N CYS A 506 -25.37 10.14 8.03
CA CYS A 506 -24.69 11.42 8.07
C CYS A 506 -25.69 12.55 8.02
N ASN A 507 -26.77 12.38 7.26
CA ASN A 507 -27.82 13.38 7.20
C ASN A 507 -28.55 13.51 8.52
N ASN A 508 -28.76 12.38 9.20
CA ASN A 508 -29.39 12.47 10.51
C ASN A 508 -28.48 13.12 11.54
N LEU A 509 -27.18 12.82 11.46
CA LEU A 509 -26.19 13.51 12.29
C LEU A 509 -26.11 15.03 12.02
N LYS A 510 -26.12 15.46 10.75
CA LYS A 510 -26.15 16.90 10.48
C LYS A 510 -27.38 17.57 11.11
N ALA A 511 -28.52 16.88 11.13
CA ALA A 511 -29.75 17.52 11.56
C ALA A 511 -29.89 17.54 13.10
N ASN A 512 -29.27 16.56 13.76
CA ASN A 512 -29.56 16.26 15.18
C ASN A 512 -28.39 16.29 16.14
N LEU A 513 -27.16 16.22 15.63
CA LEU A 513 -26.02 16.33 16.53
C LEU A 513 -26.04 17.71 17.18
N PRO A 514 -25.64 17.81 18.45
CA PRO A 514 -25.57 19.16 19.04
C PRO A 514 -24.40 19.90 18.47
N GLU A 515 -24.48 21.23 18.48
CA GLU A 515 -23.48 22.09 17.87
C GLU A 515 -22.07 21.85 18.37
N VAL A 516 -21.92 21.52 19.65
CA VAL A 516 -20.58 21.26 20.22
C VAL A 516 -19.85 20.12 19.45
N ALA A 517 -20.62 19.11 18.99
CA ALA A 517 -20.06 18.02 18.17
C ALA A 517 -20.04 18.42 16.72
N LEU A 518 -21.17 18.95 16.25
CA LEU A 518 -21.33 19.34 14.86
C LEU A 518 -20.24 20.28 14.33
N GLU A 519 -19.94 21.34 15.10
CA GLU A 519 -18.88 22.28 14.72
C GLU A 519 -17.49 21.64 14.55
N GLU A 520 -17.32 20.44 15.10
CA GLU A 520 -16.09 19.72 14.91
C GLU A 520 -16.09 18.89 13.62
N CYS A 521 -17.27 18.47 13.15
CA CYS A 521 -17.26 17.40 12.13
C CYS A 521 -18.14 17.65 10.93
N SER A 522 -18.76 18.81 10.84
CA SER A 522 -19.74 19.05 9.79
C SER A 522 -19.08 18.83 8.39
N ARG A 523 -17.86 19.31 8.19
CA ARG A 523 -17.23 19.12 6.88
C ARG A 523 -16.94 17.63 6.55
N GLN A 524 -16.58 16.83 7.54
CA GLN A 524 -16.26 15.40 7.35
C GLN A 524 -17.56 14.63 7.08
N LEU A 525 -18.64 15.06 7.71
CA LEU A 525 -19.98 14.55 7.41
C LEU A 525 -20.37 14.74 5.90
N ASP A 526 -20.22 15.97 5.41
CA ASP A 526 -20.54 16.29 4.02
C ASP A 526 -19.64 15.50 3.11
N GLU A 527 -18.39 15.34 3.51
CA GLU A 527 -17.46 14.57 2.72
C GLU A 527 -17.82 13.07 2.63
N LEU A 528 -18.32 12.49 3.74
CA LEU A 528 -18.71 11.07 3.73
C LEU A 528 -19.95 10.91 2.85
N ILE A 529 -20.88 11.86 2.93
CA ILE A 529 -22.03 11.89 2.03
C ILE A 529 -21.65 11.89 0.54
N THR A 530 -20.76 12.81 0.16
CA THR A 530 -20.23 12.93 -1.19
C THR A 530 -19.63 11.61 -1.62
N LEU A 531 -18.80 11.01 -0.78
CA LEU A 531 -18.18 9.73 -1.10
C LEU A 531 -19.18 8.58 -1.28
N ALA A 532 -20.19 8.53 -0.43
CA ALA A 532 -21.29 7.55 -0.52
C ALA A 532 -22.02 7.69 -1.84
N GLN A 533 -22.19 8.93 -2.27
CA GLN A 533 -22.81 9.23 -3.54
C GLN A 533 -21.98 8.79 -4.76
N GLY A 534 -20.66 8.90 -4.66
CA GLY A 534 -19.74 8.39 -5.69
C GLY A 534 -19.60 6.87 -5.64
N ASP A 535 -19.63 6.31 -4.43
CA ASP A 535 -19.71 4.85 -4.24
C ASP A 535 -20.94 4.29 -4.93
N LYS A 536 -22.09 4.93 -4.76
CA LYS A 536 -23.32 4.53 -5.45
C LYS A 536 -23.17 4.59 -6.99
N ALA A 537 -22.68 5.74 -7.49
CA ALA A 537 -22.45 5.92 -8.92
C ALA A 537 -21.48 4.90 -9.47
N SER A 538 -20.55 4.48 -8.63
CA SER A 538 -19.61 3.43 -8.96
C SER A 538 -20.30 2.08 -9.21
N LEU A 539 -21.29 1.75 -8.37
CA LEU A 539 -22.08 0.52 -8.57
C LEU A 539 -22.91 0.66 -9.80
N ASP A 540 -23.41 1.88 -10.05
CA ASP A 540 -24.18 2.13 -11.27
C ASP A 540 -23.33 1.85 -12.52
N MET A 541 -22.02 2.17 -12.45
CA MET A 541 -21.12 1.93 -13.55
C MET A 541 -21.00 0.41 -13.82
N ILE A 542 -20.79 -0.35 -12.77
CA ILE A 542 -20.75 -1.81 -12.86
C ILE A 542 -22.01 -2.42 -13.47
N VAL A 543 -23.18 -2.02 -12.94
CA VAL A 543 -24.45 -2.55 -13.44
C VAL A 543 -24.61 -2.18 -14.90
N ALA A 544 -24.20 -0.96 -15.28
CA ALA A 544 -24.36 -0.56 -16.70
C ALA A 544 -23.53 -1.43 -17.63
N GLN A 545 -22.35 -1.83 -17.15
CA GLN A 545 -21.46 -2.69 -17.93
C GLN A 545 -22.09 -4.09 -18.06
N LEU A 546 -22.49 -4.69 -16.94
CA LEU A 546 -23.33 -5.92 -16.93
C LEU A 546 -24.49 -5.86 -17.88
N ASN A 547 -25.16 -4.69 -17.95
CA ASN A 547 -26.30 -4.47 -18.82
C ASN A 547 -25.87 -4.08 -20.21
N GLU A 548 -24.57 -3.85 -20.44
CA GLU A 548 -24.09 -3.33 -21.73
C GLU A 548 -24.82 -2.04 -22.22
N ASP A 549 -25.03 -1.12 -21.26
CA ASP A 549 -25.67 0.14 -21.55
C ASP A 549 -24.57 1.20 -21.43
N THR A 550 -24.10 1.61 -22.59
CA THR A 550 -23.01 2.55 -22.72
C THR A 550 -23.36 3.94 -22.14
N GLU A 551 -24.58 4.40 -22.40
CA GLU A 551 -24.98 5.74 -22.00
C GLU A 551 -25.17 5.83 -20.49
N ALA A 552 -25.80 4.79 -19.92
CA ALA A 552 -25.93 4.70 -18.49
C ALA A 552 -24.54 4.62 -17.84
N TYR A 553 -23.60 3.98 -18.53
CA TYR A 553 -22.22 3.86 -18.04
C TYR A 553 -21.54 5.26 -17.93
N GLU A 554 -21.55 5.98 -19.05
CA GLU A 554 -20.92 7.30 -19.14
C GLU A 554 -21.48 8.31 -18.13
N SER A 555 -22.80 8.32 -17.95
CA SER A 555 -23.47 9.16 -16.96
C SER A 555 -23.11 8.84 -15.52
N ALA A 556 -23.01 7.55 -15.20
CA ALA A 556 -22.65 7.13 -13.83
C ALA A 556 -21.17 7.47 -13.54
N LYS A 557 -20.32 7.25 -14.55
CA LYS A 557 -18.91 7.57 -14.50
C LYS A 557 -18.65 9.08 -14.22
N GLU A 558 -19.43 9.94 -14.88
CA GLU A 558 -19.25 11.37 -14.70
C GLU A 558 -19.53 11.80 -13.25
N ILE A 559 -20.58 11.25 -12.67
CA ILE A 559 -20.93 11.51 -11.29
C ILE A 559 -19.89 10.95 -10.36
N ALA A 560 -19.49 9.70 -10.59
CA ALA A 560 -18.48 9.08 -9.76
C ALA A 560 -17.22 9.98 -9.80
N GLN A 561 -16.82 10.36 -10.99
CA GLN A 561 -15.61 11.19 -11.11
C GLN A 561 -15.78 12.53 -10.35
N ASN A 562 -16.97 13.12 -10.46
CA ASN A 562 -17.25 14.41 -9.88
C ASN A 562 -17.22 14.42 -8.38
N LYS A 563 -17.78 13.35 -7.81
CA LYS A 563 -17.85 13.16 -6.40
C LYS A 563 -16.44 12.96 -5.85
N LEU A 564 -15.65 12.12 -6.53
CA LEU A 564 -14.25 11.93 -6.14
C LEU A 564 -13.46 13.28 -6.21
N ASN A 565 -13.70 14.09 -7.25
CA ASN A 565 -13.04 15.36 -7.42
C ASN A 565 -13.37 16.33 -6.27
N THR A 566 -14.64 16.48 -5.91
CA THR A 566 -15.05 17.20 -4.70
C THR A 566 -14.26 16.74 -3.45
N ALA A 567 -14.19 15.44 -3.22
CA ALA A 567 -13.51 14.88 -2.03
C ALA A 567 -12.06 15.25 -2.02
N LEU A 568 -11.40 15.05 -3.16
CA LEU A 568 -9.99 15.35 -3.31
C LEU A 568 -9.71 16.85 -3.17
N SER A 569 -10.65 17.69 -3.60
CA SER A 569 -10.49 19.10 -3.43
C SER A 569 -10.99 19.68 -2.10
N SER A 570 -11.33 18.85 -1.12
CA SER A 570 -11.88 19.36 0.16
C SER A 570 -10.86 19.28 1.24
N PHE A 571 -10.89 20.24 2.15
CA PHE A 571 -10.08 20.14 3.38
C PHE A 571 -10.38 18.81 4.11
N ALA A 572 -11.66 18.49 4.26
CA ALA A 572 -12.06 17.32 5.08
C ALA A 572 -11.50 16.05 4.44
N VAL A 573 -11.06 15.11 5.27
CA VAL A 573 -10.56 13.84 4.76
C VAL A 573 -11.23 12.67 5.55
N ILE A 574 -11.64 11.62 4.85
CA ILE A 574 -12.28 10.46 5.51
C ILE A 574 -12.24 9.22 4.59
N SER A 575 -12.22 8.05 5.17
CA SER A 575 -12.39 6.83 4.42
C SER A 575 -11.46 6.68 3.18
N GLU A 576 -10.20 7.13 3.28
CA GLU A 576 -9.32 7.20 2.09
C GLU A 576 -9.22 5.88 1.35
N LYS A 577 -8.99 4.81 2.11
CA LYS A 577 -8.73 3.50 1.55
C LYS A 577 -9.98 2.74 1.27
N VAL A 578 -11.13 3.31 1.64
CA VAL A 578 -12.39 2.58 1.55
C VAL A 578 -13.40 3.25 0.63
N ALA A 579 -14.17 4.21 1.17
CA ALA A 579 -15.20 4.88 0.37
C ALA A 579 -14.58 5.68 -0.78
N GLN A 580 -13.40 6.24 -0.52
CA GLN A 580 -12.74 7.01 -1.54
C GLN A 580 -12.03 6.12 -2.59
N SER A 581 -11.14 5.25 -2.12
CA SER A 581 -10.46 4.32 -2.99
C SER A 581 -11.42 3.51 -3.87
N PHE A 582 -12.59 3.15 -3.35
CA PHE A 582 -13.56 2.37 -4.13
C PHE A 582 -13.99 3.06 -5.44
N ILE A 583 -14.17 4.38 -5.42
CA ILE A 583 -14.47 5.15 -6.64
C ILE A 583 -13.33 5.03 -7.66
N GLN A 584 -12.11 5.23 -7.20
CA GLN A 584 -10.90 5.09 -8.02
C GLN A 584 -10.84 3.67 -8.64
N GLU A 585 -11.08 2.65 -7.81
CA GLU A 585 -11.11 1.24 -8.24
C GLU A 585 -12.17 1.02 -9.31
N ALA A 586 -13.37 1.56 -9.08
CA ALA A 586 -14.47 1.36 -9.99
C ALA A 586 -14.18 2.06 -11.32
N LEU A 587 -13.64 3.27 -11.24
CA LEU A 587 -13.36 4.07 -12.39
C LEU A 587 -12.33 3.42 -13.28
N SER A 588 -11.44 2.64 -12.70
CA SER A 588 -10.46 1.87 -13.50
C SER A 588 -10.91 0.47 -13.91
N PHE A 589 -12.10 0.03 -13.45
CA PHE A 589 -12.55 -1.33 -13.70
C PHE A 589 -13.27 -1.45 -15.04
N ASP A 590 -12.99 -2.53 -15.75
CA ASP A 590 -13.60 -2.74 -17.06
C ASP A 590 -14.02 -4.19 -17.18
N LEU A 591 -15.33 -4.43 -17.03
CA LEU A 591 -15.90 -5.76 -17.10
C LEU A 591 -15.71 -6.49 -18.46
N THR A 592 -15.62 -5.74 -19.56
CA THR A 592 -15.44 -6.37 -20.88
C THR A 592 -14.11 -7.20 -20.99
N LEU A 593 -13.14 -6.91 -20.12
CA LEU A 593 -11.84 -7.59 -20.19
C LEU A 593 -11.79 -8.92 -19.41
N ILE A 594 -12.87 -9.25 -18.68
CA ILE A 594 -12.87 -10.45 -17.84
C ILE A 594 -13.30 -11.69 -18.67
N VAL B 11 36.95 -2.73 -31.93
CA VAL B 11 37.52 -3.15 -30.60
C VAL B 11 36.41 -3.70 -29.73
N LEU B 12 35.52 -2.83 -29.23
CA LEU B 12 34.59 -3.27 -28.20
C LEU B 12 33.35 -3.95 -28.77
N VAL B 13 32.84 -4.91 -28.01
CA VAL B 13 31.63 -5.63 -28.35
C VAL B 13 30.43 -4.69 -28.09
N PRO B 14 29.65 -4.39 -29.13
CA PRO B 14 28.45 -3.56 -28.95
C PRO B 14 27.44 -4.30 -28.11
N ASN B 15 26.41 -3.60 -27.68
CA ASN B 15 25.20 -4.18 -27.11
C ASN B 15 24.61 -5.28 -27.99
N LEU B 16 24.28 -6.41 -27.39
CA LEU B 16 23.71 -7.52 -28.15
C LEU B 16 22.38 -7.96 -27.54
N ASN B 17 21.47 -8.35 -28.43
CA ASN B 17 20.19 -8.84 -27.98
C ASN B 17 19.64 -9.88 -28.93
N PRO B 18 19.31 -11.07 -28.40
CA PRO B 18 19.59 -11.55 -27.02
C PRO B 18 21.08 -11.63 -26.69
N THR B 19 21.39 -11.74 -25.40
CA THR B 19 22.76 -12.08 -24.98
C THR B 19 23.11 -13.50 -25.49
N PRO B 20 24.19 -13.62 -26.31
CA PRO B 20 24.68 -14.98 -26.71
C PRO B 20 25.06 -15.92 -25.55
N GLU B 21 24.79 -17.21 -25.68
CA GLU B 21 25.12 -18.13 -24.62
C GLU B 21 26.61 -18.03 -24.26
N ASN B 22 27.46 -18.28 -25.25
CA ASN B 22 28.90 -18.26 -25.08
C ASN B 22 29.51 -17.26 -26.03
N LEU B 23 30.24 -16.30 -25.46
CA LEU B 23 30.96 -15.31 -26.24
C LEU B 23 32.31 -15.06 -25.57
N GLU B 24 33.38 -15.22 -26.35
CA GLU B 24 34.73 -14.84 -25.90
C GLU B 24 35.35 -13.85 -26.91
N VAL B 25 36.00 -12.82 -26.39
CA VAL B 25 36.76 -11.92 -27.21
C VAL B 25 38.10 -12.55 -27.48
N VAL B 26 38.43 -12.74 -28.76
CA VAL B 26 39.66 -13.44 -29.16
C VAL B 26 40.71 -12.56 -29.88
N GLY B 27 40.46 -11.26 -30.04
CA GLY B 27 41.43 -10.36 -30.67
C GLY B 27 41.04 -8.90 -30.49
N ASP B 28 41.87 -8.00 -31.01
CA ASP B 28 41.64 -6.56 -30.94
C ASP B 28 40.53 -6.02 -31.85
N GLY B 29 40.06 -6.81 -32.80
CA GLY B 29 39.03 -6.34 -33.74
C GLY B 29 39.62 -5.84 -35.04
N PHE B 30 38.78 -5.72 -36.06
CA PHE B 30 39.26 -5.28 -37.36
C PHE B 30 38.16 -4.55 -38.11
N LYS B 31 38.55 -3.89 -39.19
CA LYS B 31 37.62 -3.10 -39.96
C LYS B 31 37.26 -3.87 -41.21
N ILE B 32 35.98 -4.05 -41.43
CA ILE B 32 35.52 -4.68 -42.66
C ILE B 32 35.79 -3.77 -43.87
N THR B 33 36.36 -4.34 -44.92
CA THR B 33 36.69 -3.59 -46.11
C THR B 33 35.41 -3.10 -46.84
N SER B 34 35.56 -2.21 -47.82
CA SER B 34 34.44 -1.65 -48.58
C SER B 34 33.72 -2.67 -49.46
N SER B 35 34.46 -3.66 -49.97
CA SER B 35 33.81 -4.83 -50.56
C SER B 35 34.32 -6.08 -49.86
N ILE B 36 33.47 -7.10 -49.84
CA ILE B 36 33.83 -8.36 -49.22
C ILE B 36 33.78 -9.56 -50.15
N ASN B 37 34.54 -10.60 -49.82
CA ASN B 37 34.35 -11.90 -50.43
C ASN B 37 33.24 -12.62 -49.69
N LEU B 38 32.31 -13.21 -50.43
CA LEU B 38 31.18 -13.90 -49.85
C LEU B 38 31.20 -15.37 -50.26
N VAL B 39 31.22 -16.25 -49.26
CA VAL B 39 31.42 -17.65 -49.51
C VAL B 39 30.30 -18.42 -48.84
N GLY B 40 29.77 -19.39 -49.57
CA GLY B 40 28.72 -20.23 -49.06
C GLY B 40 27.33 -19.74 -49.40
N GLU B 41 27.21 -18.60 -50.08
CA GLU B 41 25.88 -18.00 -50.25
C GLU B 41 24.89 -18.85 -51.06
N GLU B 42 25.43 -19.79 -51.83
CA GLU B 42 24.59 -20.71 -52.56
C GLU B 42 24.08 -21.90 -51.73
N GLU B 43 24.87 -22.43 -50.78
CA GLU B 43 24.40 -23.55 -49.96
C GLU B 43 23.60 -23.11 -48.70
N ALA B 44 23.85 -21.87 -48.25
CA ALA B 44 23.27 -21.34 -47.01
C ALA B 44 21.76 -21.11 -47.08
N ASP B 45 21.15 -21.15 -45.91
CA ASP B 45 19.76 -20.78 -45.77
C ASP B 45 19.45 -19.46 -46.52
N GLU B 46 18.47 -19.52 -47.42
CA GLU B 46 18.07 -18.37 -48.25
C GLU B 46 17.54 -17.18 -47.47
N ASN B 47 16.82 -17.38 -46.35
CA ASN B 47 16.39 -16.22 -45.53
C ASN B 47 17.56 -15.60 -44.80
N ALA B 48 18.48 -16.45 -44.37
CA ALA B 48 19.71 -15.97 -43.77
C ALA B 48 20.52 -15.12 -44.77
N VAL B 49 20.68 -15.62 -46.00
CA VAL B 49 21.43 -14.86 -47.03
C VAL B 49 20.75 -13.55 -47.37
N ASN B 50 19.42 -13.57 -47.51
CA ASN B 50 18.65 -12.36 -47.84
C ASN B 50 18.83 -11.23 -46.81
N ALA B 51 18.74 -11.58 -45.53
CA ALA B 51 18.92 -10.66 -44.41
C ALA B 51 20.32 -10.08 -44.44
N LEU B 52 21.28 -10.96 -44.70
CA LEU B 52 22.68 -10.56 -44.83
C LEU B 52 22.86 -9.54 -45.98
N ARG B 53 22.29 -9.85 -47.14
CA ARG B 53 22.33 -8.93 -48.28
C ARG B 53 21.74 -7.57 -47.92
N GLU B 54 20.55 -7.53 -47.31
CA GLU B 54 19.93 -6.25 -47.01
C GLU B 54 20.82 -5.41 -46.09
N PHE B 55 21.46 -6.08 -45.13
CA PHE B 55 22.34 -5.38 -44.19
C PHE B 55 23.55 -4.81 -44.92
N LEU B 56 24.13 -5.62 -45.78
CA LEU B 56 25.27 -5.22 -46.58
C LEU B 56 24.96 -4.00 -47.42
N THR B 57 23.83 -4.06 -48.12
CA THR B 57 23.41 -2.97 -48.98
C THR B 57 23.20 -1.72 -48.15
N ALA B 58 22.53 -1.85 -47.01
CA ALA B 58 22.24 -0.69 -46.15
C ALA B 58 23.49 -0.01 -45.58
N ASN B 59 24.58 -0.77 -45.44
CA ASN B 59 25.78 -0.21 -44.86
C ASN B 59 26.87 -0.02 -45.90
N ASN B 60 26.46 0.02 -47.18
CA ASN B 60 27.34 0.29 -48.34
C ASN B 60 28.55 -0.59 -48.41
N ILE B 61 28.33 -1.90 -48.28
CA ILE B 61 29.40 -2.89 -48.34
C ILE B 61 29.10 -3.75 -49.55
N GLU B 62 29.99 -3.71 -50.55
CA GLU B 62 29.73 -4.42 -51.79
C GLU B 62 30.22 -5.86 -51.67
N ILE B 63 29.64 -6.74 -52.48
CA ILE B 63 30.13 -8.11 -52.59
C ILE B 63 30.96 -8.21 -53.86
N ASN B 64 32.21 -8.63 -53.72
CA ASN B 64 33.13 -8.88 -54.84
C ASN B 64 32.55 -9.86 -55.86
N SER B 65 32.84 -9.61 -57.14
CA SER B 65 32.54 -10.57 -58.26
C SER B 65 33.30 -11.87 -58.07
N GLU B 66 34.59 -11.73 -57.78
CA GLU B 66 35.50 -12.87 -57.58
C GLU B 66 36.40 -12.57 -56.40
N ASN B 67 37.13 -13.58 -55.93
CA ASN B 67 38.02 -13.39 -54.79
C ASN B 67 38.97 -12.22 -54.97
N ASP B 68 39.06 -11.41 -53.92
CA ASP B 68 40.11 -10.44 -53.71
C ASP B 68 40.74 -10.75 -52.35
N PRO B 69 42.02 -11.16 -52.35
CA PRO B 69 42.77 -11.49 -51.15
C PRO B 69 42.84 -10.32 -50.17
N ASN B 70 42.64 -9.09 -50.63
CA ASN B 70 42.73 -7.93 -49.73
C ASN B 70 41.40 -7.52 -49.12
N SER B 71 40.31 -8.14 -49.57
CA SER B 71 38.99 -7.92 -48.96
C SER B 71 38.72 -8.86 -47.78
N THR B 72 37.92 -8.39 -46.83
CA THR B 72 37.34 -9.22 -45.78
C THR B 72 36.52 -10.36 -46.39
N THR B 73 36.62 -11.56 -45.83
CA THR B 73 35.80 -12.70 -46.28
C THR B 73 34.71 -13.01 -45.26
N LEU B 74 33.49 -13.22 -45.75
CA LEU B 74 32.39 -13.69 -44.94
C LEU B 74 31.97 -15.05 -45.48
N ILE B 75 32.04 -16.07 -44.61
CA ILE B 75 31.63 -17.43 -44.96
C ILE B 75 30.40 -17.74 -44.13
N ILE B 76 29.45 -18.43 -44.76
CA ILE B 76 28.12 -18.66 -44.18
C ILE B 76 27.53 -19.98 -44.66
N GLY B 77 26.87 -20.68 -43.76
CA GLY B 77 26.25 -21.93 -44.14
C GLY B 77 25.82 -22.71 -42.92
N GLU B 78 25.28 -23.90 -43.17
CA GLU B 78 24.81 -24.82 -42.15
C GLU B 78 25.82 -25.95 -41.95
N VAL B 79 25.84 -26.54 -40.75
CA VAL B 79 26.71 -27.68 -40.40
C VAL B 79 26.69 -28.80 -41.47
N ASP B 80 25.51 -29.02 -42.07
CA ASP B 80 25.28 -30.03 -43.12
C ASP B 80 26.11 -29.82 -44.38
N ASP B 81 26.19 -28.57 -44.84
CA ASP B 81 26.76 -28.20 -46.15
C ASP B 81 28.24 -28.56 -46.35
N ASP B 82 28.64 -28.73 -47.61
CA ASP B 82 30.04 -28.98 -47.97
C ASP B 82 30.71 -27.65 -48.30
N ILE B 83 31.33 -27.05 -47.28
CA ILE B 83 31.96 -25.75 -47.39
C ILE B 83 33.23 -25.83 -46.56
N PRO B 84 34.32 -26.32 -47.18
CA PRO B 84 35.57 -26.53 -46.43
C PRO B 84 36.19 -25.25 -45.87
N GLU B 85 35.89 -24.10 -46.49
CA GLU B 85 36.36 -22.78 -46.05
C GLU B 85 35.74 -22.38 -44.71
N LEU B 86 34.52 -22.85 -44.48
CA LEU B 86 33.77 -22.55 -43.26
C LEU B 86 34.50 -23.24 -42.10
N ASP B 87 34.76 -24.53 -42.25
CA ASP B 87 35.42 -25.26 -41.19
C ASP B 87 36.86 -24.72 -40.93
N GLU B 88 37.52 -24.28 -42.00
CA GLU B 88 38.86 -23.67 -41.90
C GLU B 88 38.83 -22.35 -41.13
N ALA B 89 37.85 -21.49 -41.43
CA ALA B 89 37.68 -20.24 -40.64
C ALA B 89 37.13 -20.47 -39.21
N LEU B 90 36.33 -21.51 -38.99
CA LEU B 90 35.80 -21.76 -37.63
C LEU B 90 36.86 -22.25 -36.65
N ASN B 91 37.87 -22.94 -37.18
CA ASN B 91 39.04 -23.35 -36.41
C ASN B 91 38.67 -24.12 -35.13
N GLY B 92 37.80 -25.12 -35.29
CA GLY B 92 37.44 -26.03 -34.21
C GLY B 92 36.10 -25.72 -33.58
N THR B 93 35.68 -24.46 -33.68
CA THR B 93 34.36 -24.02 -33.21
C THR B 93 33.27 -24.57 -34.12
N THR B 94 32.19 -25.04 -33.52
CA THR B 94 31.17 -25.75 -34.30
C THR B 94 29.77 -25.64 -33.71
N ALA B 95 28.76 -25.68 -34.59
CA ALA B 95 27.35 -25.67 -34.18
C ALA B 95 26.75 -27.09 -34.17
N GLU B 96 27.57 -28.07 -34.59
CA GLU B 96 27.20 -29.49 -34.78
C GLU B 96 26.46 -30.10 -33.59
N ASN B 97 26.91 -29.79 -32.37
CA ASN B 97 26.35 -30.35 -31.15
C ASN B 97 25.28 -29.48 -30.49
N LEU B 98 24.86 -28.41 -31.17
CA LEU B 98 23.97 -27.41 -30.56
C LEU B 98 22.51 -27.83 -30.77
N LYS B 99 21.59 -27.30 -29.97
CA LYS B 99 20.20 -27.61 -30.22
C LYS B 99 19.72 -26.86 -31.46
N GLU B 100 18.48 -27.12 -31.85
CA GLU B 100 17.79 -26.41 -32.94
C GLU B 100 17.85 -24.89 -32.74
N GLU B 101 17.99 -24.13 -33.84
CA GLU B 101 18.18 -22.69 -33.83
C GLU B 101 19.57 -22.23 -33.37
N GLY B 102 20.45 -23.17 -33.00
CA GLY B 102 21.81 -22.84 -32.60
C GLY B 102 22.69 -22.38 -33.76
N TYR B 103 23.78 -21.67 -33.45
CA TYR B 103 24.79 -21.31 -34.45
C TYR B 103 26.17 -21.05 -33.80
N ALA B 104 27.23 -21.16 -34.61
CA ALA B 104 28.56 -20.64 -34.30
C ALA B 104 28.87 -19.38 -35.11
N LEU B 105 29.57 -18.44 -34.47
CA LEU B 105 30.08 -17.31 -35.20
C LEU B 105 31.50 -17.01 -34.73
N VAL B 106 32.41 -16.84 -35.69
CA VAL B 106 33.81 -16.50 -35.39
C VAL B 106 34.25 -15.30 -36.26
N SER B 107 34.69 -14.24 -35.61
CA SER B 107 35.26 -13.14 -36.37
C SER B 107 36.71 -13.08 -35.98
N ASN B 108 37.59 -13.20 -36.97
CA ASN B 108 39.01 -13.32 -36.70
C ASN B 108 39.88 -13.07 -37.92
N ASP B 109 40.81 -12.14 -37.78
CA ASP B 109 41.84 -11.88 -38.79
C ASP B 109 41.30 -11.70 -40.21
N GLY B 110 40.30 -10.85 -40.34
CA GLY B 110 39.78 -10.46 -41.64
C GLY B 110 38.77 -11.42 -42.21
N LYS B 111 38.30 -12.35 -41.38
CA LYS B 111 37.35 -13.39 -41.78
C LYS B 111 36.21 -13.51 -40.79
N ILE B 112 35.01 -13.76 -41.32
CA ILE B 112 33.82 -13.93 -40.46
C ILE B 112 33.13 -15.22 -40.91
N ALA B 113 33.04 -16.17 -40.00
CA ALA B 113 32.39 -17.45 -40.28
C ALA B 113 31.08 -17.50 -39.48
N ILE B 114 29.98 -17.78 -40.17
CA ILE B 114 28.67 -17.98 -39.54
C ILE B 114 28.16 -19.34 -39.93
N GLU B 115 27.99 -20.22 -38.94
CA GLU B 115 27.53 -21.59 -39.18
C GLU B 115 26.29 -21.95 -38.36
N GLY B 116 25.17 -22.17 -39.05
CA GLY B 116 23.94 -22.60 -38.40
C GLY B 116 23.93 -24.09 -38.10
N LYS B 117 23.44 -24.45 -36.92
CA LYS B 117 23.14 -25.85 -36.63
C LYS B 117 22.07 -26.32 -37.61
N ASP B 118 21.17 -25.39 -37.95
CA ASP B 118 20.13 -25.56 -38.98
C ASP B 118 19.93 -24.17 -39.59
N GLY B 119 19.05 -24.06 -40.59
CA GLY B 119 18.77 -22.80 -41.27
C GLY B 119 18.29 -21.66 -40.37
N ASP B 120 17.48 -21.99 -39.36
CA ASP B 120 17.02 -21.00 -38.40
C ASP B 120 18.29 -20.42 -37.73
N GLY B 121 19.22 -21.33 -37.41
CA GLY B 121 20.45 -21.01 -36.74
C GLY B 121 21.33 -20.04 -37.52
N THR B 122 21.45 -20.30 -38.82
CA THR B 122 22.20 -19.44 -39.73
C THR B 122 21.57 -18.04 -39.76
N PHE B 123 20.24 -17.98 -39.80
CA PHE B 123 19.55 -16.70 -39.79
C PHE B 123 19.86 -15.96 -38.47
N TYR B 124 19.81 -16.69 -37.36
CA TYR B 124 20.15 -16.10 -36.08
C TYR B 124 21.64 -15.61 -36.01
N GLY B 125 22.57 -16.34 -36.61
CA GLY B 125 23.96 -15.89 -36.74
C GLY B 125 24.12 -14.55 -37.42
N VAL B 126 23.40 -14.40 -38.52
CA VAL B 126 23.38 -13.16 -39.29
C VAL B 126 22.79 -12.03 -38.44
N GLN B 127 21.71 -12.28 -37.71
CA GLN B 127 21.18 -11.26 -36.78
C GLN B 127 22.26 -10.79 -35.78
N THR B 128 23.07 -11.73 -35.27
CA THR B 128 24.13 -11.40 -34.35
C THR B 128 25.22 -10.59 -35.04
N PHE B 129 25.59 -11.02 -36.24
CA PHE B 129 26.53 -10.34 -37.08
C PHE B 129 26.17 -8.86 -37.27
N LYS B 130 24.91 -8.61 -37.60
CA LYS B 130 24.44 -7.26 -37.86
C LYS B 130 24.59 -6.35 -36.63
N GLN B 131 24.44 -6.95 -35.44
CA GLN B 131 24.57 -6.21 -34.19
C GLN B 131 26.03 -5.98 -33.81
N LEU B 132 26.92 -6.90 -34.19
CA LEU B 132 28.36 -6.80 -33.87
C LEU B 132 29.09 -5.65 -34.58
N VAL B 133 28.61 -5.29 -35.78
CA VAL B 133 29.29 -4.34 -36.67
C VAL B 133 28.88 -2.87 -36.39
N LYS B 134 29.85 -2.00 -36.21
CA LYS B 134 29.59 -0.58 -35.97
C LYS B 134 30.56 0.19 -36.86
N GLU B 135 30.02 0.95 -37.81
CA GLU B 135 30.82 1.69 -38.79
C GLU B 135 31.93 0.83 -39.39
N SER B 136 31.58 -0.38 -39.85
CA SER B 136 32.57 -1.28 -40.49
C SER B 136 33.46 -2.04 -39.51
N ASN B 137 33.56 -1.57 -38.27
CA ASN B 137 34.38 -2.24 -37.29
C ASN B 137 33.64 -3.40 -36.65
N ILE B 138 34.35 -4.50 -36.44
CA ILE B 138 33.76 -5.64 -35.77
C ILE B 138 34.79 -6.16 -34.76
N PRO B 139 34.31 -6.55 -33.56
CA PRO B 139 35.18 -7.23 -32.64
C PRO B 139 35.58 -8.59 -33.18
N GLU B 140 36.69 -9.10 -32.67
CA GLU B 140 37.12 -10.47 -32.95
C GLU B 140 36.62 -11.34 -31.79
N VAL B 141 35.62 -12.17 -32.09
CA VAL B 141 34.93 -12.94 -31.07
C VAL B 141 34.76 -14.39 -31.51
N ASN B 142 34.52 -15.25 -30.55
CA ASN B 142 34.18 -16.63 -30.77
C ASN B 142 32.85 -16.89 -30.03
N ILE B 143 31.83 -17.27 -30.78
CA ILE B 143 30.48 -17.41 -30.23
C ILE B 143 29.91 -18.76 -30.59
N THR B 144 29.27 -19.41 -29.61
CA THR B 144 28.31 -20.48 -29.89
C THR B 144 27.07 -20.05 -29.10
N ASP B 145 25.89 -20.26 -29.66
CA ASP B 145 24.71 -19.60 -29.14
C ASP B 145 23.50 -20.43 -29.45
N TYR B 146 22.51 -20.37 -28.55
CA TYR B 146 21.26 -21.12 -28.71
C TYR B 146 20.26 -20.67 -27.64
N PRO B 147 18.95 -20.89 -27.88
CA PRO B 147 17.92 -20.44 -26.92
C PRO B 147 17.70 -21.40 -25.77
N THR B 148 17.29 -20.85 -24.62
CA THR B 148 16.87 -21.65 -23.47
C THR B 148 15.50 -22.29 -23.80
N VAL B 149 14.58 -21.44 -24.28
CA VAL B 149 13.21 -21.82 -24.58
C VAL B 149 13.03 -21.98 -26.10
N SER B 150 12.43 -23.10 -26.52
CA SER B 150 12.22 -23.40 -27.95
C SER B 150 11.24 -22.49 -28.65
N ALA B 151 10.19 -22.08 -27.97
CA ALA B 151 9.25 -21.18 -28.60
C ALA B 151 9.22 -19.88 -27.83
N ARG B 152 9.42 -18.77 -28.54
CA ARG B 152 9.61 -17.44 -27.95
C ARG B 152 8.92 -16.39 -28.81
N GLY B 153 8.01 -15.62 -28.26
CA GLY B 153 7.38 -14.64 -29.13
C GLY B 153 6.21 -13.87 -28.55
N ILE B 154 5.29 -13.53 -29.44
CA ILE B 154 4.18 -12.67 -29.12
C ILE B 154 2.83 -13.37 -29.32
N VAL B 155 1.89 -13.10 -28.43
CA VAL B 155 0.50 -13.39 -28.70
C VAL B 155 -0.22 -12.05 -28.82
N GLU B 156 -0.81 -11.79 -29.99
CA GLU B 156 -1.59 -10.56 -30.20
C GLU B 156 -2.95 -10.67 -29.54
N GLY B 157 -2.99 -10.54 -28.22
CA GLY B 157 -4.21 -10.89 -27.45
C GLY B 157 -4.97 -9.77 -26.76
N PHE B 158 -4.48 -8.54 -26.86
CA PHE B 158 -5.03 -7.39 -26.13
C PHE B 158 -6.38 -6.98 -26.67
N TYR B 159 -7.18 -6.38 -25.79
CA TYR B 159 -8.37 -5.68 -26.22
C TYR B 159 -7.94 -4.30 -26.69
N GLY B 160 -8.77 -3.66 -27.51
CA GLY B 160 -8.56 -2.27 -27.86
C GLY B 160 -8.21 -2.14 -29.32
N THR B 161 -7.71 -0.97 -29.71
CA THR B 161 -7.45 -0.68 -31.11
C THR B 161 -6.40 -1.65 -31.64
N PRO B 162 -6.77 -2.47 -32.64
CA PRO B 162 -5.84 -3.43 -33.19
C PRO B 162 -4.64 -2.79 -33.85
N TRP B 163 -3.57 -3.57 -33.91
CA TRP B 163 -2.43 -3.26 -34.74
C TRP B 163 -2.92 -3.25 -36.19
N THR B 164 -2.36 -2.33 -36.97
CA THR B 164 -2.62 -2.24 -38.39
C THR B 164 -1.76 -3.28 -39.09
N HIS B 165 -2.03 -3.49 -40.37
CA HIS B 165 -1.22 -4.36 -41.20
C HIS B 165 0.27 -3.98 -41.14
N GLN B 166 0.55 -2.70 -41.37
CA GLN B 166 1.89 -2.11 -41.23
C GLN B 166 2.56 -2.44 -39.89
N ASP B 167 1.82 -2.27 -38.79
CA ASP B 167 2.33 -2.54 -37.44
C ASP B 167 2.79 -3.98 -37.36
N ARG B 168 1.97 -4.87 -37.91
CA ARG B 168 2.21 -6.29 -37.76
C ARG B 168 3.42 -6.67 -38.57
N LEU B 169 3.52 -6.15 -39.80
CA LEU B 169 4.69 -6.50 -40.60
C LEU B 169 5.98 -5.98 -39.94
N ASP B 170 5.93 -4.77 -39.38
CA ASP B 170 7.08 -4.15 -38.73
C ASP B 170 7.47 -5.00 -37.50
N GLN B 171 6.46 -5.40 -36.73
CA GLN B 171 6.64 -6.32 -35.60
C GLN B 171 7.36 -7.61 -36.00
N ILE B 172 6.94 -8.24 -37.09
CA ILE B 172 7.54 -9.52 -37.52
C ILE B 172 9.06 -9.40 -37.84
N LYS B 173 9.44 -8.34 -38.56
CA LYS B 173 10.83 -8.00 -38.75
C LYS B 173 11.57 -7.84 -37.42
N PHE B 174 11.00 -7.03 -36.53
CA PHE B 174 11.50 -6.80 -35.22
C PHE B 174 11.72 -8.13 -34.47
N TYR B 175 10.78 -9.08 -34.57
CA TYR B 175 10.96 -10.38 -33.89
C TYR B 175 12.15 -11.13 -34.47
N GLY B 176 12.23 -11.18 -35.80
CA GLY B 176 13.34 -11.85 -36.44
C GLY B 176 14.67 -11.31 -35.97
N GLU B 177 14.80 -9.99 -35.84
CA GLU B 177 16.06 -9.34 -35.48
C GLU B 177 16.50 -9.66 -34.06
N ASN B 178 15.51 -9.95 -33.21
CA ASN B 178 15.73 -10.28 -31.83
C ASN B 178 15.52 -11.74 -31.54
N LYS B 179 15.47 -12.56 -32.58
CA LYS B 179 15.44 -14.04 -32.46
C LYS B 179 14.17 -14.58 -31.79
N LEU B 180 13.09 -13.82 -31.92
CA LEU B 180 11.76 -14.25 -31.47
C LEU B 180 11.14 -15.01 -32.61
N ASN B 181 10.64 -16.23 -32.32
CA ASN B 181 10.20 -17.20 -33.33
C ASN B 181 8.69 -17.57 -33.33
N THR B 182 7.86 -16.83 -32.60
CA THR B 182 6.43 -17.19 -32.49
C THR B 182 5.57 -15.93 -32.53
N TYR B 183 4.60 -15.94 -33.42
CA TYR B 183 3.64 -14.86 -33.40
C TYR B 183 2.28 -15.54 -33.49
N ILE B 184 1.48 -15.39 -32.43
CA ILE B 184 0.15 -15.94 -32.40
C ILE B 184 -0.80 -14.86 -32.86
N TYR B 185 -1.20 -14.96 -34.12
CA TYR B 185 -2.15 -14.07 -34.73
C TYR B 185 -3.57 -14.50 -34.29
N ALA B 186 -4.21 -13.64 -33.50
CA ALA B 186 -5.54 -13.86 -32.93
C ALA B 186 -6.09 -12.52 -32.44
N PRO B 187 -6.26 -11.55 -33.37
CA PRO B 187 -6.72 -10.25 -32.96
C PRO B 187 -8.24 -10.20 -32.87
N LYS B 188 -8.75 -9.41 -31.92
CA LYS B 188 -10.20 -9.23 -31.73
C LYS B 188 -10.92 -8.71 -32.98
N ASP B 189 -10.24 -7.91 -33.80
CA ASP B 189 -10.85 -7.29 -34.98
C ASP B 189 -10.84 -8.17 -36.26
N ASP B 190 -10.41 -9.43 -36.14
CA ASP B 190 -10.51 -10.38 -37.27
C ASP B 190 -11.56 -11.50 -37.01
N PRO B 191 -12.75 -11.36 -37.62
CA PRO B 191 -13.90 -12.24 -37.40
C PRO B 191 -13.61 -13.70 -37.77
N TYR B 192 -12.66 -13.92 -38.67
CA TYR B 192 -12.33 -15.29 -39.09
C TYR B 192 -11.59 -16.10 -38.05
N HIS B 193 -11.25 -15.47 -36.93
CA HIS B 193 -10.62 -16.19 -35.84
C HIS B 193 -11.66 -16.51 -34.74
N ARG B 194 -12.83 -15.88 -34.79
CA ARG B 194 -13.91 -16.13 -33.80
C ARG B 194 -15.35 -16.07 -34.36
N GLU B 195 -15.87 -14.86 -34.64
CA GLU B 195 -17.28 -14.77 -35.04
C GLU B 195 -17.61 -15.52 -36.34
N LYS B 196 -16.60 -15.67 -37.22
CA LYS B 196 -16.72 -16.53 -38.42
C LYS B 196 -15.66 -17.62 -38.38
N TRP B 197 -15.48 -18.22 -37.21
CA TRP B 197 -14.43 -19.22 -37.01
C TRP B 197 -14.49 -20.42 -38.02
N ARG B 198 -15.70 -20.79 -38.44
CA ARG B 198 -15.84 -21.87 -39.44
C ARG B 198 -15.35 -21.49 -40.84
N GLU B 199 -15.44 -20.21 -41.19
CA GLU B 199 -15.31 -19.77 -42.59
C GLU B 199 -13.87 -19.52 -43.01
N PRO B 200 -13.48 -20.09 -44.18
CA PRO B 200 -12.25 -19.74 -44.86
C PRO B 200 -12.22 -18.24 -45.15
N TYR B 201 -11.02 -17.63 -45.13
CA TYR B 201 -10.88 -16.25 -45.55
C TYR B 201 -11.39 -16.10 -46.98
N PRO B 202 -12.15 -15.03 -47.25
CA PRO B 202 -12.58 -14.83 -48.64
C PRO B 202 -11.37 -14.30 -49.41
N GLU B 203 -11.47 -14.32 -50.74
CA GLU B 203 -10.42 -13.80 -51.61
C GLU B 203 -9.92 -12.41 -51.19
N SER B 204 -10.85 -11.55 -50.76
CA SER B 204 -10.64 -10.13 -50.46
C SER B 204 -9.68 -9.91 -49.30
N GLU B 205 -9.50 -10.97 -48.52
CA GLU B 205 -8.66 -10.91 -47.32
C GLU B 205 -7.38 -11.75 -47.45
N MET B 206 -7.31 -12.52 -48.54
CA MET B 206 -6.20 -13.45 -48.80
C MET B 206 -4.82 -12.79 -48.92
N GLN B 207 -4.74 -11.71 -49.68
CA GLN B 207 -3.46 -11.04 -49.91
C GLN B 207 -2.87 -10.61 -48.57
N ARG B 208 -3.70 -9.96 -47.75
CA ARG B 208 -3.33 -9.49 -46.41
C ARG B 208 -2.75 -10.61 -45.52
N MET B 209 -3.53 -11.66 -45.34
CA MET B 209 -3.09 -12.86 -44.64
C MET B 209 -1.77 -13.46 -45.19
N GLN B 210 -1.66 -13.54 -46.51
CA GLN B 210 -0.48 -14.13 -47.18
C GLN B 210 0.80 -13.34 -46.87
N GLU B 211 0.69 -12.01 -46.86
CA GLU B 211 1.84 -11.17 -46.49
C GLU B 211 2.32 -11.40 -45.04
N LEU B 212 1.37 -11.46 -44.10
CA LEU B 212 1.72 -11.84 -42.72
C LEU B 212 2.44 -13.20 -42.67
N ILE B 213 1.88 -14.18 -43.39
CA ILE B 213 2.41 -15.53 -43.41
C ILE B 213 3.80 -15.54 -44.04
N ASN B 214 3.97 -14.79 -45.14
CA ASN B 214 5.24 -14.78 -45.85
C ASN B 214 6.30 -14.09 -45.04
N ALA B 215 5.93 -12.95 -44.47
CA ALA B 215 6.89 -12.14 -43.72
C ALA B 215 7.37 -12.99 -42.54
N SER B 216 6.46 -13.75 -41.93
CA SER B 216 6.84 -14.59 -40.80
C SER B 216 7.93 -15.60 -41.24
N ALA B 217 7.71 -16.22 -42.39
CA ALA B 217 8.60 -17.28 -42.86
C ALA B 217 9.97 -16.72 -43.20
N GLU B 218 10.00 -15.59 -43.87
CA GLU B 218 11.21 -14.82 -44.13
C GLU B 218 12.04 -14.50 -42.88
N ASN B 219 11.37 -14.34 -41.74
CA ASN B 219 12.03 -13.94 -40.50
C ASN B 219 12.09 -15.05 -39.47
N LYS B 220 11.88 -16.28 -39.94
CA LYS B 220 11.96 -17.46 -39.10
C LYS B 220 10.97 -17.42 -37.93
N VAL B 221 9.88 -16.71 -38.14
CA VAL B 221 8.76 -16.62 -37.18
C VAL B 221 7.70 -17.66 -37.51
N ASP B 222 7.34 -18.47 -36.53
CA ASP B 222 6.19 -19.35 -36.68
C ASP B 222 4.92 -18.52 -36.57
N PHE B 223 4.23 -18.37 -37.70
CA PHE B 223 2.93 -17.76 -37.72
C PHE B 223 1.87 -18.74 -37.13
N VAL B 224 1.39 -18.45 -35.92
CA VAL B 224 0.43 -19.34 -35.26
C VAL B 224 -0.96 -18.76 -35.44
N PHE B 225 -1.87 -19.56 -35.95
CA PHE B 225 -3.21 -19.05 -36.19
C PHE B 225 -4.09 -19.39 -35.02
N GLY B 226 -4.63 -18.34 -34.42
CA GLY B 226 -5.48 -18.47 -33.26
C GLY B 226 -6.92 -18.63 -33.67
N ILE B 227 -7.51 -19.74 -33.25
CA ILE B 227 -8.93 -19.94 -33.44
C ILE B 227 -9.68 -20.00 -32.08
N SER B 228 -10.80 -19.28 -32.00
CA SER B 228 -11.72 -19.24 -30.82
C SER B 228 -13.14 -19.66 -31.21
N PRO B 229 -13.42 -20.98 -31.18
CA PRO B 229 -14.72 -21.48 -31.63
C PRO B 229 -15.83 -21.46 -30.56
N GLY B 230 -15.45 -21.06 -29.34
CA GLY B 230 -16.29 -21.16 -28.17
C GLY B 230 -17.62 -20.42 -28.18
N ILE B 231 -17.61 -19.25 -28.80
CA ILE B 231 -18.80 -18.49 -29.15
C ILE B 231 -20.06 -19.34 -29.41
N ASP B 232 -19.94 -20.40 -30.23
CA ASP B 232 -21.11 -21.19 -30.63
C ASP B 232 -20.80 -22.61 -31.13
N ILE B 233 -19.59 -23.12 -30.88
CA ILE B 233 -19.28 -24.48 -31.30
C ILE B 233 -20.23 -25.48 -30.61
N ARG B 234 -20.65 -26.52 -31.33
CA ARG B 234 -21.46 -27.57 -30.74
C ARG B 234 -20.64 -28.86 -30.66
N PHE B 235 -20.92 -29.69 -29.66
CA PHE B 235 -20.06 -30.84 -29.31
C PHE B 235 -20.58 -32.25 -29.64
N ASP B 236 -21.89 -32.43 -29.67
CA ASP B 236 -22.47 -33.78 -29.76
C ASP B 236 -23.31 -34.04 -31.00
N GLY B 237 -23.47 -35.33 -31.31
CA GLY B 237 -24.29 -35.77 -32.44
C GLY B 237 -23.77 -35.26 -33.77
N ASP B 238 -24.70 -35.08 -34.72
CA ASP B 238 -24.41 -34.60 -36.09
C ASP B 238 -23.88 -33.15 -36.08
N ALA B 239 -24.46 -32.28 -35.25
CA ALA B 239 -23.99 -30.90 -35.12
C ALA B 239 -22.54 -30.85 -34.62
N GLY B 240 -22.15 -31.89 -33.88
CA GLY B 240 -20.80 -32.04 -33.30
C GLY B 240 -19.84 -32.49 -34.39
N GLU B 241 -20.30 -33.47 -35.17
CA GLU B 241 -19.58 -33.93 -36.37
C GLU B 241 -19.41 -32.82 -37.41
N GLU B 242 -20.49 -32.09 -37.72
CA GLU B 242 -20.47 -30.98 -38.64
C GLU B 242 -19.51 -29.87 -38.21
N ASP B 243 -19.54 -29.50 -36.93
CA ASP B 243 -18.65 -28.47 -36.42
C ASP B 243 -17.16 -28.87 -36.37
N PHE B 244 -16.88 -30.14 -36.07
CA PHE B 244 -15.48 -30.58 -36.04
C PHE B 244 -14.87 -30.53 -37.45
N ASN B 245 -15.66 -31.02 -38.42
CA ASN B 245 -15.34 -30.97 -39.83
C ASN B 245 -15.18 -29.54 -40.31
N HIS B 246 -16.02 -28.61 -39.84
CA HIS B 246 -15.81 -27.18 -40.12
C HIS B 246 -14.45 -26.70 -39.66
N LEU B 247 -14.08 -27.08 -38.45
CA LEU B 247 -12.77 -26.75 -37.87
C LEU B 247 -11.61 -27.32 -38.72
N ILE B 248 -11.81 -28.55 -39.22
CA ILE B 248 -10.86 -29.21 -40.14
C ILE B 248 -10.73 -28.43 -41.44
N THR B 249 -11.84 -28.16 -42.14
CA THR B 249 -11.76 -27.43 -43.42
C THR B 249 -11.17 -26.02 -43.22
N LYS B 250 -11.56 -25.35 -42.15
CA LYS B 250 -10.90 -24.08 -41.80
C LYS B 250 -9.36 -24.21 -41.56
N ALA B 251 -8.94 -25.23 -40.82
CA ALA B 251 -7.50 -25.46 -40.64
C ALA B 251 -6.76 -25.82 -41.95
N GLU B 252 -7.39 -26.64 -42.79
CA GLU B 252 -6.87 -26.96 -44.12
C GLU B 252 -6.78 -25.71 -45.03
N SER B 253 -7.77 -24.82 -44.98
CA SER B 253 -7.75 -23.62 -45.80
C SER B 253 -6.56 -22.74 -45.44
N LEU B 254 -6.24 -22.63 -44.14
CA LEU B 254 -5.02 -21.90 -43.74
C LEU B 254 -3.75 -22.65 -44.00
N TYR B 255 -3.78 -23.97 -43.83
CA TYR B 255 -2.65 -24.82 -44.15
C TYR B 255 -2.26 -24.62 -45.61
N ASP B 256 -3.26 -24.40 -46.45
CA ASP B 256 -3.04 -24.25 -47.88
C ASP B 256 -2.46 -22.87 -48.24
N MET B 257 -2.34 -21.98 -47.27
CA MET B 257 -1.76 -20.67 -47.53
C MET B 257 -0.34 -20.61 -46.98
N GLY B 258 0.06 -21.68 -46.31
CA GLY B 258 1.36 -21.71 -45.65
C GLY B 258 1.36 -21.89 -44.13
N VAL B 259 0.20 -21.77 -43.50
CA VAL B 259 0.13 -21.88 -42.03
C VAL B 259 0.48 -23.29 -41.54
N ARG B 260 1.38 -23.33 -40.55
CA ARG B 260 1.87 -24.60 -40.01
C ARG B 260 1.75 -24.69 -38.48
N SER B 261 1.15 -23.66 -37.86
CA SER B 261 0.88 -23.64 -36.43
C SER B 261 -0.56 -23.18 -36.13
N PHE B 262 -1.20 -23.84 -35.16
CA PHE B 262 -2.57 -23.52 -34.79
C PHE B 262 -2.79 -23.50 -33.28
N ALA B 263 -3.66 -22.58 -32.86
CA ALA B 263 -4.04 -22.42 -31.49
C ALA B 263 -5.56 -22.49 -31.48
N ILE B 264 -6.09 -23.34 -30.60
CA ILE B 264 -7.53 -23.45 -30.30
C ILE B 264 -7.78 -23.00 -28.85
N TYR B 265 -8.52 -21.91 -28.70
CA TYR B 265 -8.81 -21.26 -27.40
C TYR B 265 -10.15 -21.68 -26.75
N TRP B 266 -10.18 -21.95 -25.45
CA TRP B 266 -11.43 -22.26 -24.74
C TRP B 266 -11.78 -21.24 -23.63
N ASP B 267 -11.14 -20.09 -23.67
CA ASP B 267 -11.19 -19.18 -22.56
C ASP B 267 -12.53 -18.43 -22.46
N ASP B 268 -13.20 -18.21 -23.59
CA ASP B 268 -14.41 -17.34 -23.61
C ASP B 268 -15.75 -18.09 -23.69
N ILE B 269 -15.71 -19.41 -23.77
CA ILE B 269 -16.93 -20.22 -23.83
C ILE B 269 -17.72 -20.21 -22.50
N GLN B 270 -19.04 -20.08 -22.59
CA GLN B 270 -19.90 -19.90 -21.40
C GLN B 270 -20.06 -21.22 -20.65
N ASP B 271 -20.20 -22.29 -21.44
CA ASP B 271 -20.06 -23.68 -21.02
C ASP B 271 -18.67 -23.94 -20.38
N LYS B 272 -18.54 -25.07 -19.68
CA LYS B 272 -17.28 -25.44 -19.05
C LYS B 272 -17.09 -26.95 -19.04
N SER B 273 -17.11 -27.58 -20.21
CA SER B 273 -16.97 -29.05 -20.21
C SER B 273 -15.63 -29.51 -20.77
N ALA B 274 -14.66 -29.55 -19.84
CA ALA B 274 -13.27 -29.96 -20.06
C ALA B 274 -13.16 -31.17 -20.98
N ALA B 275 -13.98 -32.19 -20.70
CA ALA B 275 -13.97 -33.43 -21.50
C ALA B 275 -14.21 -33.11 -22.98
N LYS B 276 -15.18 -32.23 -23.27
CA LYS B 276 -15.53 -31.86 -24.64
C LYS B 276 -14.47 -30.99 -25.31
N HIS B 277 -14.04 -29.95 -24.60
CA HIS B 277 -12.91 -29.14 -25.06
C HIS B 277 -11.73 -30.03 -25.48
N ALA B 278 -11.37 -30.97 -24.59
CA ALA B 278 -10.16 -31.78 -24.75
C ALA B 278 -10.31 -32.80 -25.88
N GLN B 279 -11.50 -33.39 -26.02
CA GLN B 279 -11.71 -34.34 -27.09
C GLN B 279 -11.70 -33.70 -28.51
N VAL B 280 -12.12 -32.44 -28.62
CA VAL B 280 -11.97 -31.71 -29.87
C VAL B 280 -10.47 -31.49 -30.18
N LEU B 281 -9.73 -31.08 -29.16
CA LEU B 281 -8.28 -30.92 -29.33
C LEU B 281 -7.60 -32.22 -29.73
N ASN B 282 -7.91 -33.32 -29.03
CA ASN B 282 -7.22 -34.58 -29.28
C ASN B 282 -7.52 -35.08 -30.68
N ARG B 283 -8.75 -34.83 -31.13
CA ARG B 283 -9.23 -35.29 -32.45
C ARG B 283 -8.51 -34.49 -33.54
N PHE B 284 -8.45 -33.19 -33.38
CA PHE B 284 -7.70 -32.29 -34.25
C PHE B 284 -6.21 -32.66 -34.36
N ASN B 285 -5.59 -32.95 -33.20
CA ASN B 285 -4.19 -33.35 -33.14
C ASN B 285 -3.92 -34.63 -33.98
N GLU B 286 -4.88 -35.56 -33.91
CA GLU B 286 -4.78 -36.86 -34.54
C GLU B 286 -5.14 -36.75 -36.03
N GLU B 287 -6.28 -36.14 -36.31
CA GLU B 287 -6.85 -36.06 -37.66
C GLU B 287 -6.27 -34.93 -38.52
N PHE B 288 -5.51 -34.05 -37.90
CA PHE B 288 -4.92 -32.96 -38.66
C PHE B 288 -3.42 -32.79 -38.40
N VAL B 289 -3.05 -32.51 -37.16
CA VAL B 289 -1.65 -32.23 -36.85
C VAL B 289 -0.73 -33.43 -37.23
N LYS B 290 -1.05 -34.62 -36.73
CA LYS B 290 -0.22 -35.80 -36.94
C LYS B 290 -0.35 -36.30 -38.37
N ALA B 291 -1.57 -36.10 -38.91
CA ALA B 291 -1.92 -36.45 -40.29
C ALA B 291 -1.04 -35.76 -41.30
N LYS B 292 -0.77 -34.48 -41.06
CA LYS B 292 0.03 -33.67 -41.98
C LYS B 292 1.53 -33.78 -41.85
N GLY B 293 2.02 -34.07 -40.65
CA GLY B 293 3.40 -34.47 -40.46
C GLY B 293 4.39 -33.32 -40.27
N ASP B 294 3.98 -32.13 -40.70
CA ASP B 294 4.80 -30.92 -40.56
C ASP B 294 4.08 -29.71 -39.92
N VAL B 295 2.92 -29.96 -39.32
CA VAL B 295 2.28 -28.97 -38.45
C VAL B 295 2.96 -29.06 -37.07
N LYS B 296 3.31 -27.90 -36.51
CA LYS B 296 3.86 -27.82 -35.14
C LYS B 296 2.84 -28.32 -34.09
N PRO B 297 3.32 -28.64 -32.88
CA PRO B 297 2.40 -28.99 -31.78
C PRO B 297 1.23 -28.03 -31.63
N LEU B 298 0.02 -28.60 -31.57
CA LEU B 298 -1.20 -27.85 -31.25
C LEU B 298 -1.09 -27.04 -29.93
N ILE B 299 -1.58 -25.81 -29.98
CA ILE B 299 -1.57 -24.94 -28.80
C ILE B 299 -2.98 -24.76 -28.33
N THR B 300 -3.17 -24.78 -27.00
CA THR B 300 -4.49 -24.51 -26.44
C THR B 300 -4.49 -23.58 -25.24
N VAL B 301 -5.61 -22.87 -25.04
CA VAL B 301 -5.83 -22.08 -23.83
C VAL B 301 -7.08 -22.66 -23.17
N PRO B 302 -6.93 -23.33 -22.00
CA PRO B 302 -8.18 -23.90 -21.42
C PRO B 302 -9.06 -22.79 -20.79
N THR B 303 -10.26 -23.17 -20.34
CA THR B 303 -11.20 -22.20 -19.76
C THR B 303 -10.68 -21.59 -18.48
N GLU B 304 -10.06 -22.42 -17.65
CA GLU B 304 -9.30 -22.01 -16.46
C GLU B 304 -7.83 -21.91 -16.88
N TYR B 305 -7.29 -20.71 -16.88
CA TYR B 305 -5.95 -20.49 -17.43
C TYR B 305 -5.00 -19.64 -16.52
N ASP B 306 -5.45 -19.32 -15.30
CA ASP B 306 -4.54 -18.77 -14.30
C ASP B 306 -4.69 -19.65 -13.06
N THR B 307 -3.67 -19.68 -12.21
CA THR B 307 -3.65 -20.65 -11.08
C THR B 307 -4.86 -20.46 -10.12
N GLY B 308 -5.29 -19.20 -9.94
CA GLY B 308 -6.45 -18.92 -9.09
C GLY B 308 -7.69 -19.62 -9.62
N ALA B 309 -7.83 -19.62 -10.95
CA ALA B 309 -8.98 -20.29 -11.56
C ALA B 309 -8.74 -21.78 -11.69
N MET B 310 -7.48 -22.22 -11.75
CA MET B 310 -7.21 -23.65 -12.02
C MET B 310 -7.14 -24.51 -10.77
N VAL B 311 -6.83 -23.92 -9.63
CA VAL B 311 -6.44 -24.70 -8.46
C VAL B 311 -7.23 -24.26 -7.20
N SER B 312 -7.62 -25.23 -6.39
CA SER B 312 -8.16 -24.89 -5.08
C SER B 312 -7.46 -25.72 -4.00
N ASN B 313 -7.07 -25.05 -2.90
CA ASN B 313 -6.42 -25.73 -1.76
C ASN B 313 -5.33 -26.72 -2.21
N GLY B 314 -4.51 -26.31 -3.18
CA GLY B 314 -3.35 -27.13 -3.64
C GLY B 314 -3.66 -28.26 -4.62
N GLN B 315 -4.94 -28.46 -4.95
CA GLN B 315 -5.38 -29.48 -5.91
C GLN B 315 -6.09 -28.86 -7.12
N PRO B 316 -6.03 -29.49 -8.31
CA PRO B 316 -6.76 -28.89 -9.44
C PRO B 316 -8.27 -28.81 -9.20
N ARG B 317 -8.93 -27.75 -9.68
CA ARG B 317 -10.41 -27.77 -9.75
C ARG B 317 -10.91 -28.82 -10.74
N ALA B 318 -12.21 -29.15 -10.69
CA ALA B 318 -12.78 -30.22 -11.50
C ALA B 318 -12.48 -30.01 -12.98
N TYR B 319 -12.71 -28.81 -13.48
CA TYR B 319 -12.46 -28.57 -14.89
C TYR B 319 -10.97 -28.88 -15.29
N THR B 320 -10.04 -28.29 -14.56
CA THR B 320 -8.62 -28.47 -14.83
C THR B 320 -8.21 -29.93 -14.68
N ARG B 321 -8.68 -30.57 -13.59
CA ARG B 321 -8.36 -31.97 -13.35
C ARG B 321 -8.76 -32.84 -14.56
N ILE B 322 -9.99 -32.64 -15.04
CA ILE B 322 -10.49 -33.39 -16.19
C ILE B 322 -9.74 -33.06 -17.49
N PHE B 323 -9.52 -31.78 -17.73
CA PHE B 323 -8.80 -31.31 -18.93
C PHE B 323 -7.38 -31.84 -18.99
N ALA B 324 -6.66 -31.77 -17.86
CA ALA B 324 -5.29 -32.31 -17.75
C ALA B 324 -5.23 -33.79 -17.95
N GLU B 325 -6.20 -34.54 -17.41
CA GLU B 325 -6.23 -35.98 -17.56
C GLU B 325 -6.74 -36.43 -18.94
N THR B 326 -7.42 -35.54 -19.67
CA THR B 326 -7.94 -35.87 -21.01
C THR B 326 -7.08 -35.38 -22.18
N VAL B 327 -6.56 -34.15 -22.08
CA VAL B 327 -5.85 -33.50 -23.20
C VAL B 327 -4.52 -34.23 -23.53
N ASP B 328 -4.20 -34.41 -24.81
CA ASP B 328 -2.96 -35.14 -25.17
C ASP B 328 -1.70 -34.39 -24.70
N PRO B 329 -0.76 -35.11 -24.07
CA PRO B 329 0.61 -34.66 -23.68
C PRO B 329 1.41 -33.90 -24.75
N SER B 330 1.12 -34.13 -26.03
CA SER B 330 1.78 -33.39 -27.13
C SER B 330 1.26 -31.98 -27.32
N ILE B 331 0.04 -31.72 -26.85
CA ILE B 331 -0.60 -30.41 -26.99
C ILE B 331 0.00 -29.40 -26.00
N GLU B 332 0.39 -28.23 -26.51
CA GLU B 332 0.90 -27.12 -25.70
C GLU B 332 -0.25 -26.42 -24.98
N VAL B 333 -0.12 -26.26 -23.67
CA VAL B 333 -1.18 -25.65 -22.85
C VAL B 333 -0.71 -24.35 -22.22
N MET B 334 -1.40 -23.28 -22.55
CA MET B 334 -1.07 -21.96 -22.02
C MET B 334 -1.70 -21.68 -20.67
N TRP B 335 -0.87 -21.13 -19.78
CA TRP B 335 -1.37 -20.50 -18.57
C TRP B 335 -0.64 -19.16 -18.35
N THR B 336 -1.27 -18.25 -17.61
CA THR B 336 -0.75 -16.90 -17.45
C THR B 336 0.06 -16.73 -16.16
N GLY B 337 0.17 -17.80 -15.37
CA GLY B 337 0.74 -17.64 -14.06
C GLY B 337 -0.29 -17.64 -12.93
N PRO B 338 0.14 -17.23 -11.73
CA PRO B 338 -0.70 -17.31 -10.54
C PRO B 338 -2.03 -16.52 -10.63
N GLY B 339 -2.09 -15.52 -11.50
CA GLY B 339 -3.30 -14.74 -11.82
C GLY B 339 -3.23 -14.39 -13.30
N VAL B 340 -4.24 -13.68 -13.79
CA VAL B 340 -4.29 -13.26 -15.20
C VAL B 340 -3.25 -12.18 -15.45
N VAL B 341 -3.26 -11.18 -14.58
CA VAL B 341 -2.23 -10.12 -14.59
C VAL B 341 -1.68 -10.04 -13.15
N THR B 342 -0.40 -10.41 -12.99
CA THR B 342 0.12 -10.77 -11.71
C THR B 342 1.59 -10.35 -11.58
N ASN B 343 2.07 -10.13 -10.37
CA ASN B 343 3.48 -9.73 -10.11
C ASN B 343 4.55 -10.69 -10.65
N GLU B 344 4.33 -11.99 -10.48
CA GLU B 344 5.38 -12.95 -10.78
C GLU B 344 4.87 -14.32 -11.21
N ILE B 345 5.75 -15.10 -11.85
CA ILE B 345 5.58 -16.57 -11.83
C ILE B 345 6.77 -17.16 -11.09
N PRO B 346 6.62 -17.40 -9.77
CA PRO B 346 7.69 -18.12 -9.08
C PRO B 346 7.79 -19.54 -9.60
N LEU B 347 8.96 -20.15 -9.40
CA LEU B 347 9.16 -21.55 -9.76
C LEU B 347 8.09 -22.49 -9.20
N SER B 348 7.70 -22.26 -7.95
CA SER B 348 6.73 -23.12 -7.25
C SER B 348 5.38 -23.16 -7.99
N ASP B 349 4.93 -22.03 -8.52
CA ASP B 349 3.75 -21.98 -9.37
C ASP B 349 3.88 -22.83 -10.63
N ALA B 350 4.99 -22.69 -11.35
CA ALA B 350 5.20 -23.51 -12.55
C ALA B 350 5.32 -24.99 -12.19
N GLN B 351 5.98 -25.28 -11.07
CA GLN B 351 6.17 -26.67 -10.65
C GLN B 351 4.79 -27.28 -10.43
N LEU B 352 3.98 -26.52 -9.69
CA LEU B 352 2.58 -26.88 -9.41
C LEU B 352 1.79 -27.18 -10.68
N ILE B 353 1.76 -26.25 -11.62
CA ILE B 353 0.89 -26.35 -12.79
C ILE B 353 1.38 -27.43 -13.73
N SER B 354 2.69 -27.41 -13.97
CA SER B 354 3.37 -28.44 -14.74
C SER B 354 3.07 -29.81 -14.15
N GLY B 355 3.08 -29.88 -12.82
CA GLY B 355 2.90 -31.15 -12.13
C GLY B 355 1.49 -31.64 -12.38
N ILE B 356 0.54 -30.71 -12.34
CA ILE B 356 -0.88 -31.04 -12.65
C ILE B 356 -1.05 -31.53 -14.11
N TYR B 357 -0.48 -30.81 -15.06
CA TYR B 357 -0.62 -31.20 -16.46
C TYR B 357 0.40 -32.24 -16.93
N ASN B 358 1.30 -32.67 -16.02
CA ASN B 358 2.37 -33.67 -16.37
C ASN B 358 3.25 -33.32 -17.58
N ARG B 359 3.64 -32.04 -17.68
CA ARG B 359 4.47 -31.59 -18.80
C ARG B 359 4.97 -30.16 -18.70
N ASN B 360 5.86 -29.81 -19.63
CA ASN B 360 6.29 -28.41 -19.83
C ASN B 360 5.12 -27.56 -20.32
N MET B 361 4.95 -26.42 -19.67
CA MET B 361 3.81 -25.54 -19.95
C MET B 361 4.17 -24.48 -20.97
N ALA B 362 3.14 -23.83 -21.49
CA ALA B 362 3.30 -22.63 -22.31
C ALA B 362 2.86 -21.44 -21.51
N VAL B 363 3.64 -20.36 -21.51
CA VAL B 363 3.28 -19.16 -20.77
C VAL B 363 2.67 -18.09 -21.70
N TRP B 364 1.52 -17.57 -21.26
CA TRP B 364 0.89 -16.38 -21.85
C TRP B 364 1.11 -15.28 -20.79
N TRP B 365 2.12 -14.44 -21.01
CA TRP B 365 2.52 -13.44 -20.03
C TRP B 365 1.88 -12.08 -20.35
N ASN B 366 1.00 -11.62 -19.47
CA ASN B 366 0.21 -10.39 -19.69
C ASN B 366 0.97 -9.11 -19.27
N TYR B 367 2.12 -8.91 -19.93
CA TYR B 367 2.90 -7.69 -19.81
C TYR B 367 3.70 -7.67 -21.09
N PRO B 368 3.71 -6.54 -21.81
CA PRO B 368 3.29 -5.18 -21.44
C PRO B 368 1.86 -4.74 -21.81
N VAL B 369 0.96 -5.67 -22.14
CA VAL B 369 -0.43 -5.30 -22.37
C VAL B 369 -0.95 -4.26 -21.35
N THR B 370 -1.69 -3.24 -21.82
CA THR B 370 -2.24 -2.21 -20.96
C THR B 370 -3.76 -2.05 -21.11
N ASP B 371 -4.43 -3.05 -21.68
CA ASP B 371 -5.85 -2.90 -22.01
C ASP B 371 -6.72 -2.69 -20.78
N TYR B 372 -6.27 -3.25 -19.65
CA TYR B 372 -6.96 -3.11 -18.41
C TYR B 372 -6.65 -1.79 -17.67
N PHE B 373 -5.73 -0.97 -18.20
CA PHE B 373 -5.35 0.29 -17.54
C PHE B 373 -4.73 1.19 -18.59
N LYS B 374 -5.53 1.58 -19.57
CA LYS B 374 -5.02 2.12 -20.83
C LYS B 374 -4.26 3.47 -20.77
N GLY B 375 -4.45 4.24 -19.68
CA GLY B 375 -3.85 5.60 -19.55
C GLY B 375 -2.37 5.45 -19.29
N LYS B 376 -1.99 4.27 -18.81
CA LYS B 376 -0.58 4.07 -18.51
C LYS B 376 0.10 3.20 -19.57
N LEU B 377 1.33 3.60 -19.92
CA LEU B 377 2.20 2.80 -20.79
C LEU B 377 3.07 1.86 -19.97
N ALA B 378 3.20 0.61 -20.44
CA ALA B 378 4.03 -0.38 -19.77
C ALA B 378 5.37 -0.46 -20.47
N LEU B 379 6.35 0.20 -19.89
CA LEU B 379 7.59 0.43 -20.56
C LEU B 379 8.75 -0.24 -19.86
N GLY B 380 8.46 -1.24 -19.01
CA GLY B 380 9.49 -1.90 -18.21
C GLY B 380 9.97 -3.21 -18.83
N PRO B 381 10.96 -3.87 -18.17
CA PRO B 381 11.48 -5.18 -18.65
C PRO B 381 10.60 -6.35 -18.17
N MET B 382 10.75 -7.53 -18.75
CA MET B 382 10.30 -8.75 -18.07
C MET B 382 10.79 -8.71 -16.62
N HIS B 383 9.87 -8.94 -15.69
CA HIS B 383 10.09 -8.75 -14.28
C HIS B 383 9.18 -9.73 -13.51
N GLY B 384 9.75 -10.50 -12.58
CA GLY B 384 8.96 -11.38 -11.72
C GLY B 384 8.90 -12.80 -12.23
N LEU B 385 9.52 -13.04 -13.38
CA LEU B 385 9.53 -14.36 -13.99
C LEU B 385 10.78 -15.11 -13.54
N ASP B 386 10.57 -16.29 -12.96
CA ASP B 386 11.66 -17.01 -12.36
C ASP B 386 12.72 -17.35 -13.41
N LYS B 387 13.99 -17.17 -13.04
CA LYS B 387 15.08 -17.47 -13.98
C LYS B 387 15.32 -18.96 -14.16
N GLY B 388 14.59 -19.78 -13.42
CA GLY B 388 14.66 -21.26 -13.57
C GLY B 388 13.36 -21.79 -14.16
N LEU B 389 12.48 -20.87 -14.60
CA LEU B 389 11.23 -21.22 -15.28
C LEU B 389 11.37 -22.26 -16.41
N ASN B 390 12.54 -22.34 -17.05
CA ASN B 390 12.72 -23.31 -18.17
C ASN B 390 12.62 -24.79 -17.80
N GLN B 391 12.79 -25.09 -16.51
CA GLN B 391 12.64 -26.48 -16.01
C GLN B 391 11.21 -27.02 -16.19
N TYR B 392 10.22 -26.10 -16.28
CA TYR B 392 8.78 -26.46 -16.33
C TYR B 392 7.99 -25.84 -17.51
N VAL B 393 8.67 -25.12 -18.38
CA VAL B 393 8.04 -24.32 -19.44
C VAL B 393 8.87 -24.38 -20.72
N ASP B 394 8.25 -24.64 -21.86
CA ASP B 394 9.00 -24.80 -23.12
C ASP B 394 8.58 -23.81 -24.22
N PHE B 395 7.79 -22.83 -23.84
CA PHE B 395 7.06 -22.01 -24.77
C PHE B 395 6.68 -20.72 -24.02
N PHE B 396 7.21 -19.58 -24.47
CA PHE B 396 7.04 -18.32 -23.77
C PHE B 396 6.60 -17.19 -24.68
N THR B 397 5.42 -16.62 -24.39
CA THR B 397 4.91 -15.51 -25.23
C THR B 397 4.48 -14.39 -24.33
N VAL B 398 4.55 -13.16 -24.85
CA VAL B 398 4.02 -12.01 -24.14
C VAL B 398 2.82 -11.40 -24.86
N ASN B 399 1.88 -10.85 -24.07
CA ASN B 399 0.76 -10.11 -24.61
C ASN B 399 1.16 -8.63 -24.58
N PRO B 400 1.32 -7.99 -25.75
CA PRO B 400 1.82 -6.59 -25.84
C PRO B 400 0.73 -5.49 -25.75
N MET B 401 1.12 -4.22 -25.86
CA MET B 401 0.13 -3.11 -25.87
C MET B 401 -0.44 -2.95 -27.27
N GLU B 402 -1.61 -2.32 -27.35
CA GLU B 402 -2.16 -1.82 -28.60
C GLU B 402 -1.13 -0.83 -29.21
N HIS B 403 -0.23 -0.30 -28.37
CA HIS B 403 0.88 0.57 -28.82
C HIS B 403 2.06 -0.26 -29.30
N ALA B 404 2.13 -0.51 -30.60
CA ALA B 404 3.10 -1.49 -31.13
C ALA B 404 4.57 -1.00 -31.02
N GLU B 405 4.80 0.26 -31.31
CA GLU B 405 6.16 0.78 -31.32
C GLU B 405 6.76 0.74 -29.92
N LEU B 406 5.98 1.19 -28.93
CA LEU B 406 6.47 1.28 -27.54
C LEU B 406 6.54 -0.07 -26.80
N SER B 407 5.75 -1.06 -27.26
CA SER B 407 5.84 -2.48 -26.82
C SER B 407 7.19 -3.06 -27.14
N LYS B 408 7.92 -2.45 -28.08
CA LYS B 408 9.26 -2.98 -28.44
C LYS B 408 10.22 -2.97 -27.26
N ILE B 409 10.08 -2.04 -26.33
CA ILE B 409 11.02 -1.96 -25.22
C ILE B 409 10.87 -3.22 -24.39
N SER B 410 9.64 -3.51 -23.97
CA SER B 410 9.46 -4.66 -23.12
C SER B 410 9.72 -5.97 -23.89
N ILE B 411 9.30 -5.99 -25.16
CA ILE B 411 9.43 -7.19 -25.99
C ILE B 411 10.91 -7.53 -26.21
N HIS B 412 11.74 -6.50 -26.34
CA HIS B 412 13.18 -6.66 -26.52
C HIS B 412 13.76 -7.47 -25.33
N THR B 413 13.34 -7.11 -24.13
CA THR B 413 13.77 -7.81 -22.88
C THR B 413 13.24 -9.25 -22.78
N ALA B 414 12.03 -9.50 -23.31
CA ALA B 414 11.47 -10.86 -23.43
C ALA B 414 12.27 -11.74 -24.39
N ALA B 415 12.76 -11.16 -25.47
CA ALA B 415 13.70 -11.87 -26.37
C ALA B 415 14.94 -12.31 -25.62
N ASP B 416 15.51 -11.44 -24.78
CA ASP B 416 16.68 -11.77 -23.97
C ASP B 416 16.37 -12.79 -22.88
N TYR B 417 15.27 -12.55 -22.13
CA TYR B 417 14.89 -13.47 -21.05
C TYR B 417 14.70 -14.92 -21.54
N SER B 418 14.01 -15.11 -22.68
CA SER B 418 13.60 -16.44 -23.12
C SER B 418 14.69 -17.14 -23.91
N TRP B 419 15.52 -16.35 -24.58
CA TRP B 419 16.72 -16.89 -25.26
C TRP B 419 17.84 -17.17 -24.27
N ASN B 420 18.07 -16.30 -23.30
CA ASN B 420 19.18 -16.52 -22.39
C ASN B 420 18.75 -16.30 -20.93
N MET B 421 17.99 -17.25 -20.39
CA MET B 421 17.23 -17.04 -19.19
C MET B 421 18.12 -16.93 -17.95
N ASP B 422 19.17 -17.72 -18.00
CA ASP B 422 20.11 -17.93 -16.92
C ASP B 422 20.84 -16.68 -16.57
N ASN B 423 21.12 -15.89 -17.59
CA ASN B 423 21.92 -14.72 -17.39
C ASN B 423 21.06 -13.46 -17.36
N TYR B 424 19.73 -13.62 -17.40
CA TYR B 424 18.80 -12.47 -17.51
C TYR B 424 18.85 -11.51 -16.30
N ASP B 425 19.19 -10.26 -16.61
CA ASP B 425 19.32 -9.19 -15.62
C ASP B 425 18.36 -8.14 -16.14
N TYR B 426 17.28 -7.91 -15.40
CA TYR B 426 16.19 -7.06 -15.91
C TYR B 426 16.59 -5.61 -16.05
N ASP B 427 17.46 -5.13 -15.18
CA ASP B 427 17.91 -3.76 -15.26
C ASP B 427 18.83 -3.52 -16.48
N LYS B 428 19.73 -4.46 -16.68
CA LYS B 428 20.68 -4.36 -17.76
C LYS B 428 19.97 -4.53 -19.09
N ALA B 429 19.11 -5.56 -19.19
CA ALA B 429 18.23 -5.77 -20.36
C ALA B 429 17.38 -4.52 -20.70
N TRP B 430 16.75 -3.93 -19.68
CA TRP B 430 15.93 -2.73 -19.91
C TRP B 430 16.80 -1.58 -20.48
N ASN B 431 17.96 -1.38 -19.88
CA ASN B 431 18.88 -0.35 -20.38
C ASN B 431 19.29 -0.56 -21.82
N ARG B 432 19.65 -1.81 -22.13
CA ARG B 432 20.08 -2.22 -23.44
C ARG B 432 19.00 -2.04 -24.46
N ALA B 433 17.77 -2.38 -24.08
CA ALA B 433 16.61 -2.24 -24.95
C ALA B 433 16.45 -0.79 -25.36
N ILE B 434 16.45 0.13 -24.41
CA ILE B 434 16.32 1.55 -24.77
C ILE B 434 17.53 2.06 -25.57
N ASP B 435 18.75 1.70 -25.15
CA ASP B 435 19.95 2.09 -25.90
C ASP B 435 19.86 1.62 -27.36
N MET B 436 19.50 0.35 -27.55
CA MET B 436 19.45 -0.22 -28.89
C MET B 436 18.28 0.29 -29.71
N LEU B 437 17.21 0.72 -29.06
CA LEU B 437 16.05 1.16 -29.83
C LEU B 437 16.05 2.66 -30.09
N TYR B 438 16.63 3.45 -29.19
CA TYR B 438 16.39 4.90 -29.21
C TYR B 438 17.55 5.82 -29.67
N GLY B 439 18.72 5.23 -29.85
CA GLY B 439 19.88 5.94 -30.32
C GLY B 439 20.24 7.12 -29.44
N ASP B 440 20.40 8.28 -30.08
CA ASP B 440 20.81 9.48 -29.40
C ASP B 440 19.76 10.03 -28.46
N LEU B 441 18.52 9.54 -28.57
CA LEU B 441 17.48 9.88 -27.57
C LEU B 441 17.37 8.88 -26.41
N ALA B 442 18.22 7.85 -26.39
CA ALA B 442 18.16 6.82 -25.36
C ALA B 442 18.15 7.37 -23.93
N GLU B 443 19.07 8.29 -23.62
CA GLU B 443 19.18 8.77 -22.25
C GLU B 443 17.89 9.46 -21.79
N ASP B 444 17.36 10.34 -22.63
CA ASP B 444 16.07 11.01 -22.41
C ASP B 444 14.94 10.03 -22.28
N MET B 445 14.93 9.04 -23.17
CA MET B 445 13.88 8.04 -23.10
C MET B 445 13.91 7.21 -21.82
N LYS B 446 15.11 6.93 -21.31
CA LYS B 446 15.24 6.25 -20.04
C LYS B 446 14.66 7.06 -18.89
N VAL B 447 14.98 8.36 -18.86
CA VAL B 447 14.43 9.21 -17.84
C VAL B 447 12.88 9.04 -17.80
N PHE B 448 12.24 9.09 -18.97
CA PHE B 448 10.77 9.04 -19.08
C PHE B 448 10.21 7.63 -18.80
N ALA B 449 10.72 6.63 -19.51
CA ALA B 449 10.28 5.22 -19.37
C ALA B 449 10.49 4.67 -17.96
N ASN B 450 11.50 5.14 -17.25
CA ASN B 450 11.79 4.71 -15.87
C ASN B 450 10.61 4.99 -14.91
N HIS B 451 9.84 6.02 -15.23
CA HIS B 451 8.64 6.37 -14.43
C HIS B 451 7.39 5.56 -14.82
N SER B 452 7.53 4.66 -15.81
CA SER B 452 6.37 4.06 -16.48
C SER B 452 6.53 2.55 -16.70
N THR B 453 6.98 1.88 -15.64
CA THR B 453 7.16 0.43 -15.62
C THR B 453 6.12 -0.35 -14.81
N ARG B 454 5.56 0.25 -13.77
CA ARG B 454 4.62 -0.46 -12.88
C ARG B 454 3.15 -0.36 -13.35
N MET B 455 2.49 -1.49 -13.54
CA MET B 455 1.04 -1.54 -13.90
C MET B 455 0.19 -2.03 -12.70
N ASP B 456 -0.91 -1.32 -12.45
CA ASP B 456 -1.80 -1.63 -11.31
C ASP B 456 -3.15 -0.93 -11.51
N ASN B 457 -4.23 -1.69 -11.76
CA ASN B 457 -5.55 -1.07 -11.93
C ASN B 457 -6.26 -0.93 -10.57
N LYS B 458 -5.51 -1.17 -9.50
CA LYS B 458 -6.01 -1.15 -8.11
C LYS B 458 -7.02 -2.20 -7.78
N THR B 459 -7.38 -3.11 -8.69
CA THR B 459 -8.31 -4.20 -8.35
C THR B 459 -7.69 -5.57 -8.61
N TRP B 460 -7.83 -6.13 -9.81
CA TRP B 460 -7.40 -7.55 -10.03
C TRP B 460 -6.08 -7.66 -10.81
N ALA B 461 -5.61 -6.53 -11.37
CA ALA B 461 -4.51 -6.55 -12.33
C ALA B 461 -3.28 -5.80 -11.84
N LYS B 462 -2.16 -6.47 -11.66
CA LYS B 462 -0.93 -5.70 -11.38
C LYS B 462 0.33 -6.47 -11.76
N SER B 463 1.33 -5.76 -12.28
CA SER B 463 2.60 -6.36 -12.68
C SER B 463 3.61 -5.28 -13.04
N GLY B 464 4.88 -5.67 -13.02
CA GLY B 464 5.97 -4.85 -13.55
C GLY B 464 6.89 -4.39 -12.43
N ARG B 465 8.11 -4.03 -12.84
CA ARG B 465 9.06 -3.38 -11.96
C ARG B 465 8.44 -2.08 -11.43
N GLU B 466 8.64 -1.80 -10.15
CA GLU B 466 8.21 -0.53 -9.56
C GLU B 466 8.72 0.67 -10.40
N ASP B 467 7.97 1.75 -10.43
CA ASP B 467 8.46 2.94 -11.09
C ASP B 467 9.66 3.53 -10.33
N ALA B 468 10.57 4.13 -11.11
CA ALA B 468 11.71 4.90 -10.64
C ALA B 468 12.17 4.59 -9.18
N PRO B 469 12.64 3.37 -8.93
CA PRO B 469 12.83 2.96 -7.52
C PRO B 469 13.93 3.73 -6.76
N GLU B 470 14.97 4.16 -7.47
CA GLU B 470 16.05 4.93 -6.87
C GLU B 470 15.55 6.32 -6.50
N LEU B 471 14.71 6.91 -7.35
CA LEU B 471 14.08 8.21 -7.02
C LEU B 471 13.12 8.02 -5.83
N ARG B 472 12.30 6.98 -5.88
CA ARG B 472 11.48 6.63 -4.74
C ARG B 472 12.30 6.52 -3.42
N ALA B 473 13.45 5.86 -3.46
CA ALA B 473 14.31 5.74 -2.25
C ALA B 473 14.85 7.10 -1.78
N LYS B 474 15.17 8.01 -2.69
CA LYS B 474 15.63 9.35 -2.33
C LYS B 474 14.52 10.23 -1.72
N MET B 475 13.29 10.04 -2.22
CA MET B 475 12.13 10.67 -1.63
C MET B 475 11.86 10.20 -0.20
N ASP B 476 11.97 8.89 0.03
CA ASP B 476 11.81 8.30 1.36
C ASP B 476 12.88 8.84 2.31
N GLU B 477 14.11 8.99 1.81
CA GLU B 477 15.18 9.51 2.65
C GLU B 477 14.95 11.00 2.99
N LEU B 478 14.39 11.76 2.04
CA LEU B 478 14.03 13.15 2.34
C LEU B 478 13.11 13.18 3.54
N TRP B 479 12.05 12.37 3.51
CA TRP B 479 11.06 12.43 4.57
C TRP B 479 11.65 11.95 5.89
N ASN B 480 12.56 10.96 5.81
CA ASN B 480 13.30 10.49 6.98
C ASN B 480 14.17 11.58 7.63
N LYS B 481 14.92 12.32 6.83
CA LYS B 481 15.75 13.38 7.39
C LYS B 481 14.86 14.48 7.97
N LEU B 482 13.83 14.89 7.21
CA LEU B 482 12.98 15.99 7.65
C LEU B 482 12.24 15.68 8.97
N SER B 483 11.69 14.48 9.07
CA SER B 483 10.97 14.10 10.28
C SER B 483 11.90 13.72 11.46
N SER B 484 13.23 13.82 11.25
CA SER B 484 14.26 13.42 12.23
C SER B 484 15.17 14.57 12.55
N LYS B 485 14.80 15.76 12.10
CA LYS B 485 15.55 16.98 12.35
C LYS B 485 16.98 16.88 11.81
N GLU B 486 17.17 16.11 10.74
CA GLU B 486 18.48 16.08 10.12
C GLU B 486 18.49 17.06 8.98
N ASP B 487 19.67 17.56 8.64
CA ASP B 487 19.82 18.46 7.53
C ASP B 487 19.61 17.73 6.19
N ALA B 488 18.67 18.21 5.38
CA ALA B 488 18.38 17.63 4.09
C ALA B 488 18.67 18.57 2.92
N SER B 489 19.45 19.62 3.19
CA SER B 489 19.67 20.65 2.18
C SER B 489 20.37 20.14 0.91
N ALA B 490 21.35 19.24 1.04
CA ALA B 490 21.98 18.60 -0.15
C ALA B 490 21.02 17.68 -0.93
N LEU B 491 20.23 16.93 -0.21
CA LEU B 491 19.27 16.05 -0.82
C LEU B 491 18.16 16.83 -1.57
N ILE B 492 17.75 17.96 -0.97
CA ILE B 492 16.77 18.82 -1.60
C ILE B 492 17.31 19.33 -2.94
N GLU B 493 18.52 19.88 -2.90
CA GLU B 493 19.24 20.28 -4.11
C GLU B 493 19.36 19.16 -5.15
N GLU B 494 19.77 17.97 -4.72
CA GLU B 494 19.80 16.81 -5.62
C GLU B 494 18.43 16.52 -6.28
N LEU B 495 17.36 16.60 -5.49
CA LEU B 495 16.02 16.32 -6.01
C LEU B 495 15.54 17.41 -6.95
N TYR B 496 15.85 18.69 -6.68
CA TYR B 496 15.61 19.70 -7.72
C TYR B 496 16.24 19.27 -9.04
N GLY B 497 17.48 18.77 -9.01
CA GLY B 497 18.13 18.36 -10.26
C GLY B 497 17.36 17.25 -10.99
N GLU B 498 16.89 16.30 -10.23
CA GLU B 498 16.12 15.18 -10.69
C GLU B 498 14.79 15.58 -11.37
N PHE B 499 14.06 16.49 -10.72
CA PHE B 499 12.77 16.90 -11.25
C PHE B 499 12.96 17.76 -12.51
N ALA B 500 14.00 18.62 -12.52
CA ALA B 500 14.37 19.39 -13.71
C ALA B 500 14.77 18.48 -14.88
N ARG B 501 15.46 17.39 -14.56
CA ARG B 501 15.89 16.43 -15.57
C ARG B 501 14.70 15.75 -16.21
N MET B 502 13.73 15.33 -15.40
CA MET B 502 12.46 14.76 -15.90
C MET B 502 11.79 15.68 -16.95
N GLU B 503 11.59 16.94 -16.57
CA GLU B 503 11.02 17.95 -17.45
C GLU B 503 11.82 18.10 -18.72
N GLU B 504 13.13 18.27 -18.56
CA GLU B 504 13.99 18.50 -19.73
C GLU B 504 13.99 17.29 -20.71
N ALA B 505 14.00 16.07 -20.17
CA ALA B 505 14.01 14.87 -21.02
C ALA B 505 12.66 14.76 -21.77
N CYS B 506 11.56 15.02 -21.07
CA CYS B 506 10.24 15.02 -21.72
C CYS B 506 10.11 16.08 -22.78
N ASN B 507 10.64 17.28 -22.53
CA ASN B 507 10.66 18.30 -23.55
C ASN B 507 11.46 17.88 -24.79
N ASN B 508 12.62 17.28 -24.58
CA ASN B 508 13.42 16.82 -25.68
C ASN B 508 12.70 15.70 -26.45
N LEU B 509 12.09 14.77 -25.72
CA LEU B 509 11.34 13.71 -26.38
C LEU B 509 10.22 14.27 -27.22
N LYS B 510 9.51 15.30 -26.71
CA LYS B 510 8.43 15.91 -27.46
C LYS B 510 8.92 16.51 -28.73
N ALA B 511 10.15 17.01 -28.75
CA ALA B 511 10.62 17.72 -29.93
C ALA B 511 11.29 16.78 -30.89
N ASN B 512 11.76 15.62 -30.43
CA ASN B 512 12.63 14.81 -31.27
C ASN B 512 12.28 13.34 -31.47
N LEU B 513 11.31 12.81 -30.71
CA LEU B 513 10.87 11.44 -30.96
C LEU B 513 10.29 11.34 -32.35
N PRO B 514 10.59 10.25 -33.07
CA PRO B 514 9.85 10.01 -34.32
C PRO B 514 8.35 9.88 -34.01
N GLU B 515 7.53 10.24 -34.99
CA GLU B 515 6.08 10.26 -34.89
C GLU B 515 5.55 8.92 -34.38
N VAL B 516 6.09 7.85 -34.96
CA VAL B 516 5.68 6.49 -34.65
C VAL B 516 5.74 6.22 -33.11
N ALA B 517 6.76 6.76 -32.43
CA ALA B 517 6.84 6.69 -30.96
C ALA B 517 5.95 7.77 -30.35
N LEU B 518 6.07 8.99 -30.86
CA LEU B 518 5.45 10.12 -30.17
C LEU B 518 3.94 10.03 -30.16
N GLU B 519 3.33 9.59 -31.27
CA GLU B 519 1.88 9.49 -31.32
C GLU B 519 1.31 8.54 -30.24
N GLU B 520 2.12 7.63 -29.71
CA GLU B 520 1.66 6.68 -28.70
C GLU B 520 1.78 7.21 -27.26
N CYS B 521 2.64 8.20 -27.04
CA CYS B 521 3.02 8.60 -25.67
C CYS B 521 2.91 10.11 -25.40
N SER B 522 2.45 10.89 -26.37
CA SER B 522 2.47 12.34 -26.16
C SER B 522 1.74 12.79 -24.86
N ARG B 523 0.63 12.10 -24.52
CA ARG B 523 -0.14 12.51 -23.36
C ARG B 523 0.61 12.21 -22.07
N GLN B 524 1.33 11.09 -22.06
CA GLN B 524 2.07 10.65 -20.88
C GLN B 524 3.31 11.53 -20.66
N LEU B 525 3.94 11.95 -21.75
CA LEU B 525 5.01 12.94 -21.72
C LEU B 525 4.54 14.26 -21.05
N ASP B 526 3.42 14.82 -21.52
CA ASP B 526 2.81 15.97 -20.86
C ASP B 526 2.55 15.71 -19.40
N GLU B 527 1.99 14.53 -19.06
CA GLU B 527 1.76 14.22 -17.67
C GLU B 527 3.02 14.19 -16.80
N LEU B 528 4.09 13.58 -17.31
CA LEU B 528 5.30 13.54 -16.49
C LEU B 528 5.87 14.96 -16.29
N ILE B 529 5.78 15.79 -17.32
CA ILE B 529 6.16 17.21 -17.17
C ILE B 529 5.33 17.86 -16.08
N THR B 530 3.99 17.66 -16.08
CA THR B 530 3.13 18.18 -15.03
C THR B 530 3.61 17.75 -13.64
N LEU B 531 3.87 16.46 -13.51
CA LEU B 531 4.32 15.88 -12.26
C LEU B 531 5.68 16.43 -11.82
N ALA B 532 6.63 16.57 -12.76
CA ALA B 532 7.95 17.15 -12.44
C ALA B 532 7.78 18.57 -11.92
N GLN B 533 6.92 19.34 -12.57
CA GLN B 533 6.69 20.72 -12.13
C GLN B 533 6.06 20.73 -10.74
N GLY B 534 5.18 19.77 -10.48
CA GLY B 534 4.52 19.62 -9.18
C GLY B 534 5.48 19.17 -8.11
N ASP B 535 6.43 18.31 -8.50
CA ASP B 535 7.47 17.85 -7.63
C ASP B 535 8.44 19.00 -7.25
N LYS B 536 8.79 19.82 -8.23
CA LYS B 536 9.53 21.07 -8.00
C LYS B 536 8.80 21.95 -6.92
N ALA B 537 7.51 22.21 -7.15
CA ALA B 537 6.71 23.07 -6.28
C ALA B 537 6.65 22.49 -4.85
N SER B 538 6.62 21.16 -4.75
CA SER B 538 6.68 20.45 -3.48
C SER B 538 7.97 20.73 -2.70
N LEU B 539 9.11 20.74 -3.37
CA LEU B 539 10.36 21.13 -2.71
C LEU B 539 10.34 22.62 -2.31
N ASP B 540 9.73 23.45 -3.13
CA ASP B 540 9.57 24.85 -2.78
C ASP B 540 8.80 24.97 -1.48
N MET B 541 7.72 24.20 -1.31
CA MET B 541 6.97 24.19 -0.05
C MET B 541 7.85 23.87 1.17
N ILE B 542 8.68 22.84 1.04
CA ILE B 542 9.59 22.39 2.10
C ILE B 542 10.63 23.49 2.42
N VAL B 543 11.28 24.01 1.39
CA VAL B 543 12.24 25.10 1.59
C VAL B 543 11.56 26.32 2.24
N ALA B 544 10.31 26.63 1.87
CA ALA B 544 9.60 27.78 2.43
C ALA B 544 9.32 27.58 3.93
N GLN B 545 8.99 26.35 4.30
CA GLN B 545 8.87 26.00 5.72
C GLN B 545 10.20 26.11 6.48
N LEU B 546 11.26 25.53 5.92
CA LEU B 546 12.61 25.73 6.46
C LEU B 546 12.90 27.20 6.61
N ASN B 547 12.54 28.00 5.61
CA ASN B 547 12.74 29.42 5.71
C ASN B 547 11.74 30.16 6.59
N GLU B 548 10.70 29.47 7.06
CA GLU B 548 9.57 30.11 7.77
C GLU B 548 9.02 31.27 6.95
N ASP B 549 8.77 30.99 5.68
CA ASP B 549 8.19 31.99 4.80
C ASP B 549 6.79 31.51 4.42
N THR B 550 5.80 32.03 5.12
CA THR B 550 4.39 31.74 4.84
C THR B 550 3.94 32.00 3.39
N GLU B 551 4.33 33.16 2.83
CA GLU B 551 3.89 33.56 1.49
C GLU B 551 4.46 32.68 0.36
N ALA B 552 5.75 32.34 0.47
CA ALA B 552 6.36 31.45 -0.47
C ALA B 552 5.76 30.02 -0.33
N TYR B 553 5.36 29.65 0.90
CA TYR B 553 4.78 28.34 1.13
C TYR B 553 3.41 28.19 0.44
N GLU B 554 2.55 29.20 0.63
CA GLU B 554 1.18 29.19 0.15
C GLU B 554 1.17 29.27 -1.36
N SER B 555 2.09 30.04 -1.90
CA SER B 555 2.21 30.09 -3.35
C SER B 555 2.66 28.76 -4.02
N ALA B 556 3.62 28.06 -3.40
CA ALA B 556 4.13 26.80 -3.92
C ALA B 556 3.09 25.70 -3.68
N LYS B 557 2.43 25.79 -2.54
CA LYS B 557 1.32 24.90 -2.22
C LYS B 557 0.25 24.96 -3.31
N GLU B 558 -0.17 26.16 -3.76
CA GLU B 558 -1.25 26.16 -4.76
C GLU B 558 -0.83 25.61 -6.12
N ILE B 559 0.41 25.90 -6.54
CA ILE B 559 0.95 25.37 -7.78
C ILE B 559 0.96 23.83 -7.68
N ALA B 560 1.44 23.30 -6.55
CA ALA B 560 1.53 21.89 -6.34
C ALA B 560 0.17 21.18 -6.40
N GLN B 561 -0.85 21.74 -5.73
CA GLN B 561 -2.21 21.20 -5.78
C GLN B 561 -2.72 21.20 -7.23
N ASN B 562 -2.47 22.29 -7.96
CA ASN B 562 -2.94 22.42 -9.33
C ASN B 562 -2.33 21.33 -10.21
N LYS B 563 -1.04 21.05 -10.03
CA LYS B 563 -0.32 20.10 -10.89
C LYS B 563 -0.75 18.68 -10.53
N LEU B 564 -0.85 18.44 -9.23
CA LEU B 564 -1.45 17.22 -8.78
C LEU B 564 -2.87 17.04 -9.37
N ASN B 565 -3.72 18.06 -9.31
CA ASN B 565 -5.10 17.92 -9.83
C ASN B 565 -5.13 17.70 -11.35
N THR B 566 -4.27 18.42 -12.06
CA THR B 566 -4.16 18.19 -13.48
C THR B 566 -3.81 16.73 -13.76
N ALA B 567 -2.88 16.19 -12.98
CA ALA B 567 -2.41 14.84 -13.26
C ALA B 567 -3.53 13.83 -12.95
N LEU B 568 -4.21 14.00 -11.81
CA LEU B 568 -5.20 13.04 -11.40
C LEU B 568 -6.34 12.98 -12.41
N SER B 569 -6.68 14.12 -13.01
CA SER B 569 -7.86 14.22 -13.87
C SER B 569 -7.64 13.79 -15.28
N SER B 570 -6.38 13.76 -15.72
CA SER B 570 -6.14 13.44 -17.14
C SER B 570 -6.23 11.95 -17.36
N PHE B 571 -6.54 11.59 -18.60
CA PHE B 571 -6.49 10.23 -19.05
C PHE B 571 -5.12 9.58 -18.81
N ALA B 572 -4.05 10.30 -19.13
CA ALA B 572 -2.70 9.79 -18.98
C ALA B 572 -2.42 9.48 -17.51
N VAL B 573 -1.71 8.37 -17.27
CA VAL B 573 -1.27 7.95 -15.94
C VAL B 573 0.21 7.59 -16.01
N ILE B 574 0.97 8.04 -15.00
CA ILE B 574 2.39 7.74 -14.91
C ILE B 574 2.89 7.97 -13.48
N SER B 575 3.83 7.15 -13.08
CA SER B 575 4.59 7.40 -11.83
C SER B 575 3.66 7.58 -10.61
N GLU B 576 2.58 6.81 -10.53
CA GLU B 576 1.61 7.01 -9.42
C GLU B 576 2.25 6.97 -8.03
N LYS B 577 3.16 6.05 -7.81
CA LYS B 577 3.73 5.87 -6.48
C LYS B 577 5.00 6.70 -6.23
N VAL B 578 5.41 7.44 -7.26
CA VAL B 578 6.70 8.16 -7.20
C VAL B 578 6.47 9.65 -7.39
N ALA B 579 6.41 10.12 -8.64
CA ALA B 579 6.31 11.57 -8.90
C ALA B 579 4.96 12.12 -8.50
N GLN B 580 3.93 11.27 -8.64
CA GLN B 580 2.60 11.72 -8.30
C GLN B 580 2.39 11.69 -6.78
N SER B 581 2.69 10.55 -6.19
CA SER B 581 2.56 10.41 -4.73
C SER B 581 3.41 11.43 -3.95
N PHE B 582 4.58 11.79 -4.46
CA PHE B 582 5.45 12.74 -3.78
C PHE B 582 4.75 14.09 -3.47
N ILE B 583 4.00 14.59 -4.46
CA ILE B 583 3.25 15.81 -4.26
C ILE B 583 2.25 15.68 -3.11
N GLN B 584 1.53 14.56 -3.07
CA GLN B 584 0.57 14.38 -2.02
C GLN B 584 1.26 14.21 -0.65
N GLU B 585 2.41 13.54 -0.64
CA GLU B 585 3.22 13.43 0.57
C GLU B 585 3.65 14.81 1.01
N ALA B 586 4.12 15.65 0.07
CA ALA B 586 4.57 16.97 0.44
C ALA B 586 3.40 17.87 0.92
N LEU B 587 2.25 17.80 0.26
CA LEU B 587 1.09 18.61 0.64
C LEU B 587 0.64 18.35 2.09
N SER B 588 0.83 17.11 2.54
CA SER B 588 0.41 16.68 3.88
C SER B 588 1.51 16.86 4.91
N PHE B 589 2.69 17.28 4.47
CA PHE B 589 3.84 17.45 5.38
C PHE B 589 3.93 18.80 6.08
N ASP B 590 4.15 18.79 7.39
CA ASP B 590 4.21 20.02 8.13
C ASP B 590 5.42 20.04 9.05
N LEU B 591 6.43 20.83 8.67
CA LEU B 591 7.71 20.83 9.39
C LEU B 591 7.61 21.34 10.81
N THR B 592 6.57 22.14 11.10
CA THR B 592 6.50 22.78 12.40
C THR B 592 6.27 21.74 13.52
N LEU B 593 5.78 20.56 13.14
CA LEU B 593 5.34 19.54 14.07
C LEU B 593 6.50 18.61 14.46
N ILE B 594 7.63 18.77 13.78
CA ILE B 594 8.77 17.86 13.96
C ILE B 594 9.56 18.26 15.20
#